data_5U3T
#
_entry.id   5U3T
#
_cell.length_a   39.640
_cell.length_b   94.690
_cell.length_c   96.430
_cell.angle_alpha   90.00
_cell.angle_beta   97.99
_cell.angle_gamma   90.00
#
_symmetry.space_group_name_H-M   'P 1 21 1'
#
loop_
_entity.id
_entity.type
_entity.pdbx_description
1 polymer 'Peroxisome proliferator-activated receptor delta'
2 non-polymer '6-[2-({(propan-2-yl)[4-(thiophen-3-yl)benzene-1-carbonyl]amino}methyl)phenoxy]hexanoic acid'
3 non-polymer 'heptyl beta-D-glucopyranoside'
4 non-polymer S-1,2-PROPANEDIOL
5 non-polymer DI(HYDROXYETHYL)ETHER
6 non-polymer 'TRIETHYLENE GLYCOL'
7 water water
#
_entity_poly.entity_id   1
_entity_poly.type   'polypeptide(L)'
_entity_poly.pdbx_seq_one_letter_code
;PQVADLKAFSKHIYNAYLKNFNMTKKKARSILTGKASHTAPFVIHDIETLWQAEKGLVWKQLVNGLPPYKEISVHVFYRC
Q(CME)TTVETVRELTEFAKSIPSFSSLFLNDQVTLLKYGVHEAIFAMLASIVNKDGLLVANGSGFVTREFLRSLRKPFS
DIIEPKFEFAVKFNALELDDSDLALFIAAIILCGDRPGLMNVPRVEAIQDTILRALEFHLQANHPDAQYLFPKLLQKMAD
LRQLVTEHAQMMQRIKKTETETSLHPLLQEIYKDMY
;
_entity_poly.pdbx_strand_id   A,B
#
loop_
_chem_comp.id
_chem_comp.type
_chem_comp.name
_chem_comp.formula
7UY non-polymer '6-[2-({(propan-2-yl)[4-(thiophen-3-yl)benzene-1-carbonyl]amino}methyl)phenoxy]hexanoic acid' 'C27 H31 N O4 S'
B7G D-saccharide 'heptyl beta-D-glucopyranoside' 'C13 H26 O6'
PEG non-polymer DI(HYDROXYETHYL)ETHER 'C4 H10 O3'
PGE non-polymer 'TRIETHYLENE GLYCOL' 'C6 H14 O4'
PGO non-polymer S-1,2-PROPANEDIOL 'C3 H8 O2'
#
# COMPACT_ATOMS: atom_id res chain seq x y z
N PRO A 1 -27.24 -4.45 -20.19
CA PRO A 1 -26.30 -3.46 -19.65
C PRO A 1 -25.20 -4.10 -18.80
N GLN A 2 -25.61 -4.81 -17.76
CA GLN A 2 -24.71 -5.56 -16.88
C GLN A 2 -23.70 -6.40 -17.68
N VAL A 3 -24.17 -7.12 -18.71
CA VAL A 3 -23.24 -8.01 -19.42
C VAL A 3 -22.20 -7.18 -20.16
N ALA A 4 -22.66 -6.08 -20.75
CA ALA A 4 -21.78 -5.22 -21.52
C ALA A 4 -20.79 -4.51 -20.61
N ASP A 5 -21.29 -3.98 -19.49
CA ASP A 5 -20.41 -3.24 -18.59
C ASP A 5 -19.30 -4.14 -18.06
N LEU A 6 -19.66 -5.37 -17.74
CA LEU A 6 -18.71 -6.29 -17.15
C LEU A 6 -17.68 -6.72 -18.20
N LYS A 7 -18.08 -6.77 -19.46
CA LYS A 7 -17.12 -7.10 -20.52
C LYS A 7 -16.02 -6.04 -20.58
N ALA A 8 -16.41 -4.77 -20.52
CA ALA A 8 -15.44 -3.68 -20.49
C ALA A 8 -14.46 -3.82 -19.30
N PHE A 9 -15.03 -4.04 -18.11
CA PHE A 9 -14.26 -4.25 -16.86
C PHE A 9 -13.26 -5.37 -17.02
N SER A 10 -13.69 -6.48 -17.61
CA SER A 10 -12.77 -7.61 -17.82
C SER A 10 -11.59 -7.26 -18.73
N LYS A 11 -11.84 -6.45 -19.76
CA LYS A 11 -10.76 -6.04 -20.66
C LYS A 11 -9.70 -5.20 -19.91
N HIS A 12 -10.12 -4.29 -19.03
N HIS A 12 -10.18 -4.28 -19.07
CA HIS A 12 -9.14 -3.56 -18.22
CA HIS A 12 -9.33 -3.45 -18.22
C HIS A 12 -8.33 -4.51 -17.31
C HIS A 12 -8.45 -4.27 -17.27
N ILE A 13 -9.02 -5.43 -16.64
N ILE A 13 -9.00 -5.35 -16.73
CA ILE A 13 -8.34 -6.41 -15.80
CA ILE A 13 -8.19 -6.21 -15.85
C ILE A 13 -7.31 -7.17 -16.63
C ILE A 13 -7.22 -7.05 -16.70
N TYR A 14 -7.68 -7.51 -17.86
CA TYR A 14 -6.79 -8.26 -18.74
C TYR A 14 -5.56 -7.41 -19.10
N ASN A 15 -5.80 -6.13 -19.36
CA ASN A 15 -4.71 -5.21 -19.74
C ASN A 15 -3.76 -5.03 -18.57
N ALA A 16 -4.32 -4.93 -17.37
CA ALA A 16 -3.50 -4.88 -16.15
C ALA A 16 -2.59 -6.10 -16.05
N TYR A 17 -3.13 -7.25 -16.44
CA TYR A 17 -2.38 -8.50 -16.38
C TYR A 17 -1.26 -8.47 -17.41
N LEU A 18 -1.62 -8.11 -18.65
CA LEU A 18 -0.66 -8.12 -19.74
C LEU A 18 0.46 -7.10 -19.53
N LYS A 19 0.15 -6.01 -18.84
CA LYS A 19 1.11 -4.96 -18.56
C LYS A 19 2.14 -5.36 -17.51
N ASN A 20 1.75 -6.20 -16.56
CA ASN A 20 2.53 -6.41 -15.35
C ASN A 20 3.20 -7.77 -15.10
N PHE A 21 2.76 -8.82 -15.77
CA PHE A 21 3.34 -10.13 -15.52
C PHE A 21 4.45 -10.48 -16.48
N ASN A 22 5.51 -11.05 -15.95
N ASN A 22 5.49 -11.05 -15.92
CA ASN A 22 6.71 -11.34 -16.73
CA ASN A 22 6.71 -11.42 -16.64
C ASN A 22 6.45 -12.36 -17.83
C ASN A 22 6.43 -12.34 -17.80
N MET A 23 5.67 -13.39 -17.51
CA MET A 23 5.33 -14.37 -18.52
C MET A 23 3.86 -14.71 -18.55
N THR A 24 3.33 -14.77 -19.76
CA THR A 24 1.96 -15.21 -19.98
C THR A 24 1.88 -16.73 -19.99
N LYS A 25 0.70 -17.27 -19.70
CA LYS A 25 0.48 -18.69 -19.94
C LYS A 25 0.65 -19.02 -21.45
N LYS A 26 0.20 -18.15 -22.36
CA LYS A 26 0.35 -18.40 -23.78
C LYS A 26 1.85 -18.60 -24.09
N LYS A 27 2.74 -17.76 -23.57
N LYS A 27 2.70 -17.72 -23.56
CA LYS A 27 4.15 -17.93 -23.92
CA LYS A 27 4.15 -17.82 -23.79
C LYS A 27 4.73 -19.14 -23.19
C LYS A 27 4.65 -19.13 -23.21
N ALA A 28 4.29 -19.37 -21.96
CA ALA A 28 4.81 -20.53 -21.20
C ALA A 28 4.46 -21.85 -21.90
N ARG A 29 3.24 -21.99 -22.40
CA ARG A 29 2.85 -23.27 -23.01
C ARG A 29 3.58 -23.46 -24.31
N SER A 30 3.90 -22.38 -25.01
CA SER A 30 4.57 -22.52 -26.28
C SER A 30 5.97 -23.04 -26.01
N ILE A 31 6.57 -22.61 -24.90
CA ILE A 31 7.89 -23.11 -24.55
C ILE A 31 7.81 -24.54 -24.08
N LEU A 32 6.89 -24.83 -23.17
CA LEU A 32 6.74 -26.20 -22.66
C LEU A 32 6.41 -27.26 -23.72
N THR A 33 5.64 -26.88 -24.73
CA THR A 33 5.22 -27.85 -25.73
C THR A 33 6.23 -27.93 -26.86
N GLY A 34 7.40 -27.35 -26.63
CA GLY A 34 8.49 -27.44 -27.59
C GLY A 34 8.07 -26.98 -28.97
N LYS A 35 7.13 -26.04 -29.00
CA LYS A 35 6.65 -25.51 -30.28
C LYS A 35 7.84 -24.94 -31.05
N ALA A 36 7.68 -24.80 -32.37
CA ALA A 36 8.78 -24.35 -33.23
C ALA A 36 9.42 -23.07 -32.70
N SER A 37 10.68 -23.22 -32.32
CA SER A 37 11.49 -22.13 -31.78
C SER A 37 12.93 -22.53 -31.97
N HIS A 38 13.83 -21.54 -31.96
CA HIS A 38 15.23 -21.83 -32.21
C HIS A 38 16.00 -22.12 -30.92
N THR A 39 15.27 -22.10 -29.81
CA THR A 39 15.85 -22.38 -28.51
C THR A 39 14.94 -23.27 -27.65
N ALA A 40 15.54 -24.15 -26.88
CA ALA A 40 14.81 -24.98 -25.93
C ALA A 40 15.35 -24.70 -24.54
N PRO A 41 14.51 -24.89 -23.50
CA PRO A 41 14.98 -24.70 -22.12
C PRO A 41 16.08 -25.69 -21.80
N PHE A 42 17.06 -25.23 -21.04
CA PHE A 42 18.07 -26.12 -20.48
C PHE A 42 17.45 -26.96 -19.37
N VAL A 43 17.64 -28.28 -19.39
CA VAL A 43 16.95 -29.14 -18.41
C VAL A 43 17.80 -29.36 -17.18
N ILE A 44 17.26 -28.98 -16.04
CA ILE A 44 17.90 -29.18 -14.75
C ILE A 44 17.25 -30.37 -14.10
N HIS A 45 18.03 -31.44 -14.00
CA HIS A 45 17.51 -32.69 -13.48
C HIS A 45 18.37 -33.34 -12.42
N ASP A 46 19.52 -32.71 -12.13
CA ASP A 46 20.45 -33.27 -11.14
C ASP A 46 21.46 -32.19 -10.69
N ILE A 47 22.40 -32.56 -9.84
CA ILE A 47 23.33 -31.58 -9.32
C ILE A 47 24.19 -30.96 -10.43
N GLU A 48 24.75 -31.78 -11.30
CA GLU A 48 25.60 -31.24 -12.37
C GLU A 48 24.88 -30.25 -13.26
N THR A 49 23.63 -30.54 -13.64
CA THR A 49 22.94 -29.62 -14.53
C THR A 49 22.47 -28.37 -13.78
N LEU A 50 22.19 -28.50 -12.49
CA LEU A 50 21.89 -27.32 -11.70
C LEU A 50 23.08 -26.38 -11.70
N TRP A 51 24.27 -26.95 -11.50
CA TRP A 51 25.47 -26.15 -11.45
C TRP A 51 25.69 -25.48 -12.80
N GLN A 52 25.57 -26.26 -13.87
CA GLN A 52 25.73 -25.71 -15.22
C GLN A 52 24.76 -24.57 -15.48
N ALA A 53 23.54 -24.71 -14.98
CA ALA A 53 22.55 -23.65 -15.13
C ALA A 53 22.90 -22.38 -14.33
N GLU A 54 23.48 -22.52 -13.15
CA GLU A 54 23.90 -21.34 -12.39
C GLU A 54 25.07 -20.70 -13.11
N LYS A 55 25.92 -21.49 -13.76
CA LYS A 55 26.95 -20.91 -14.62
C LYS A 55 26.32 -20.24 -15.87
N GLY A 56 25.50 -21.00 -16.60
CA GLY A 56 25.13 -20.64 -17.97
C GLY A 56 23.79 -19.98 -18.23
N LEU A 57 22.81 -20.08 -17.33
CA LEU A 57 21.54 -19.35 -17.48
C LEU A 57 21.52 -18.00 -16.80
N VAL A 58 20.67 -17.15 -17.37
CA VAL A 58 20.45 -15.78 -16.89
C VAL A 58 19.34 -15.77 -15.85
N TRP A 59 19.69 -15.39 -14.63
CA TRP A 59 18.72 -15.35 -13.55
C TRP A 59 18.44 -13.92 -13.12
N LYS A 60 17.16 -13.64 -12.86
CA LYS A 60 16.72 -12.31 -12.45
C LYS A 60 17.51 -11.91 -11.19
N GLN A 61 17.61 -12.84 -10.23
CA GLN A 61 18.48 -12.67 -9.07
C GLN A 61 19.85 -13.31 -9.32
N LEU A 62 20.89 -12.48 -9.36
CA LEU A 62 22.25 -12.98 -9.53
C LEU A 62 22.66 -13.84 -8.32
N VAL A 63 23.33 -14.95 -8.61
CA VAL A 63 23.62 -15.96 -7.59
C VAL A 63 24.42 -15.38 -6.43
N ASN A 64 25.35 -14.47 -6.75
CA ASN A 64 26.21 -13.85 -5.74
C ASN A 64 25.38 -13.17 -4.62
N GLY A 65 24.16 -12.76 -4.98
CA GLY A 65 23.27 -12.07 -4.06
C GLY A 65 22.21 -12.91 -3.37
N LEU A 66 22.13 -14.21 -3.66
CA LEU A 66 21.32 -15.12 -2.83
C LEU A 66 21.98 -15.20 -1.48
N PRO A 67 21.26 -15.66 -0.43
CA PRO A 67 21.97 -15.80 0.84
C PRO A 67 23.15 -16.73 0.68
N PRO A 68 24.14 -16.66 1.59
CA PRO A 68 25.35 -17.48 1.48
C PRO A 68 25.01 -18.94 1.29
N TYR A 69 25.85 -19.65 0.57
CA TYR A 69 25.51 -20.99 0.19
C TYR A 69 25.52 -21.94 1.38
N LYS A 70 24.52 -22.84 1.44
CA LYS A 70 24.46 -23.87 2.50
C LYS A 70 24.57 -25.31 1.93
N GLU A 71 23.70 -25.67 1.00
CA GLU A 71 23.64 -27.03 0.43
C GLU A 71 22.59 -27.03 -0.71
N ILE A 72 22.55 -28.08 -1.51
CA ILE A 72 21.74 -28.15 -2.71
C ILE A 72 20.27 -27.88 -2.46
N SER A 73 19.71 -28.53 -1.45
CA SER A 73 18.27 -28.43 -1.17
C SER A 73 17.90 -27.03 -0.74
N VAL A 74 18.76 -26.42 0.09
CA VAL A 74 18.57 -25.06 0.54
C VAL A 74 18.75 -24.09 -0.62
N HIS A 75 19.71 -24.37 -1.49
CA HIS A 75 19.95 -23.49 -2.64
C HIS A 75 18.72 -23.44 -3.50
N VAL A 76 18.14 -24.60 -3.74
CA VAL A 76 16.89 -24.65 -4.51
C VAL A 76 15.81 -23.83 -3.80
N PHE A 77 15.72 -23.95 -2.47
CA PHE A 77 14.71 -23.21 -1.71
C PHE A 77 14.93 -21.69 -1.84
N TYR A 78 16.17 -21.24 -1.79
CA TYR A 78 16.48 -19.81 -2.00
C TYR A 78 16.06 -19.30 -3.40
N ARG A 79 16.23 -20.15 -4.42
CA ARG A 79 15.77 -19.81 -5.77
C ARG A 79 14.24 -19.71 -5.80
N CYS A 80 13.59 -20.64 -5.09
CA CYS A 80 12.12 -20.60 -4.93
C CYS A 80 11.69 -19.27 -4.27
N GLN A 81 12.41 -18.88 -3.23
CA GLN A 81 12.12 -17.66 -2.48
C GLN A 81 12.30 -16.43 -3.33
N CME A 82 13.40 -16.39 -4.07
CA CME A 82 13.66 -15.28 -4.98
CB CME A 82 14.88 -15.42 -5.90
SG CME A 82 16.33 -15.26 -4.95
SD CME A 82 16.23 -13.46 -3.84
CE CME A 82 15.64 -13.92 -2.24
CZ CME A 82 16.72 -14.19 -1.21
OH CME A 82 16.44 -15.48 -0.63
C CME A 82 12.50 -15.01 -5.93
O CME A 82 11.97 -13.91 -6.12
HA CME A 82 13.81 -14.36 -4.34
HB2 CME A 82 14.84 -14.65 -6.72
HB3 CME A 82 14.95 -16.45 -6.35
HE2 CME A 82 15.05 -14.85 -2.45
HE3 CME A 82 14.93 -13.16 -1.84
HZ2 CME A 82 16.71 -13.41 -0.41
HZ3 CME A 82 17.73 -14.21 -1.69
HH CME A 82 16.45 -15.35 0.32
N THR A 83 12.09 -16.09 -6.59
CA THR A 83 11.05 -15.98 -7.58
C THR A 83 9.70 -15.65 -6.90
N THR A 84 9.45 -16.20 -5.71
CA THR A 84 8.26 -15.89 -4.96
C THR A 84 8.21 -14.36 -4.68
N VAL A 85 9.28 -13.80 -4.15
CA VAL A 85 9.32 -12.34 -3.90
C VAL A 85 9.12 -11.52 -5.19
N GLU A 86 9.72 -11.95 -6.30
N GLU A 86 9.71 -11.93 -6.31
CA GLU A 86 9.58 -11.30 -7.60
CA GLU A 86 9.54 -11.21 -7.58
C GLU A 86 8.11 -11.30 -8.05
C GLU A 86 8.08 -11.28 -8.03
N THR A 87 7.42 -12.40 -7.79
CA THR A 87 6.02 -12.53 -8.18
C THR A 87 5.15 -11.66 -7.26
N VAL A 88 5.52 -11.52 -5.99
CA VAL A 88 4.77 -10.60 -5.11
C VAL A 88 4.84 -9.19 -5.66
N ARG A 89 6.00 -8.79 -6.14
CA ARG A 89 6.15 -7.49 -6.79
C ARG A 89 5.24 -7.35 -8.00
N GLU A 90 5.21 -8.36 -8.88
CA GLU A 90 4.30 -8.33 -10.04
C GLU A 90 2.84 -8.25 -9.64
N LEU A 91 2.46 -9.12 -8.69
CA LEU A 91 1.08 -9.10 -8.20
C LEU A 91 0.69 -7.74 -7.62
N THR A 92 1.59 -7.10 -6.89
CA THR A 92 1.38 -5.77 -6.34
C THR A 92 1.12 -4.79 -7.46
N GLU A 93 1.94 -4.83 -8.51
CA GLU A 93 1.74 -3.88 -9.63
C GLU A 93 0.49 -4.23 -10.42
N PHE A 94 0.19 -5.50 -10.61
CA PHE A 94 -1.11 -5.87 -11.21
C PHE A 94 -2.29 -5.30 -10.42
N ALA A 95 -2.30 -5.54 -9.12
CA ALA A 95 -3.39 -5.06 -8.29
C ALA A 95 -3.51 -3.55 -8.36
N LYS A 96 -2.38 -2.86 -8.29
CA LYS A 96 -2.38 -1.41 -8.34
C LYS A 96 -2.94 -0.90 -9.68
N SER A 97 -2.88 -1.72 -10.73
CA SER A 97 -3.35 -1.32 -12.07
C SER A 97 -4.85 -1.58 -12.20
N ILE A 98 -5.47 -2.09 -11.13
CA ILE A 98 -6.94 -2.20 -11.07
C ILE A 98 -7.51 -1.01 -10.26
N PRO A 99 -8.26 -0.08 -10.91
CA PRO A 99 -8.66 1.14 -10.19
C PRO A 99 -9.39 0.92 -8.85
N SER A 100 -10.27 -0.08 -8.75
N SER A 100 -10.28 -0.08 -8.81
CA SER A 100 -10.99 -0.30 -7.49
CA SER A 100 -11.00 -0.45 -7.60
C SER A 100 -10.11 -0.92 -6.40
C SER A 100 -10.03 -0.70 -6.45
N PHE A 101 -8.95 -1.41 -6.76
CA PHE A 101 -7.99 -1.82 -5.73
C PHE A 101 -7.21 -0.59 -5.27
N SER A 102 -6.78 0.25 -6.23
CA SER A 102 -6.02 1.42 -5.89
C SER A 102 -6.79 2.48 -5.10
N SER A 103 -8.12 2.43 -5.18
N SER A 103 -8.13 2.43 -5.22
CA SER A 103 -8.96 3.39 -4.47
CA SER A 103 -9.02 3.35 -4.50
C SER A 103 -9.28 2.93 -3.04
C SER A 103 -9.09 3.00 -3.02
N LEU A 104 -8.82 1.74 -2.67
CA LEU A 104 -8.86 1.31 -1.27
C LEU A 104 -7.78 2.03 -0.50
N PHE A 105 -7.96 2.24 0.81
CA PHE A 105 -6.90 2.85 1.57
C PHE A 105 -5.74 1.89 1.56
N LEU A 106 -4.56 2.48 1.59
CA LEU A 106 -3.34 1.69 1.45
C LEU A 106 -3.21 0.48 2.42
N ASN A 107 -3.73 0.61 3.64
CA ASN A 107 -3.66 -0.46 4.64
C ASN A 107 -4.52 -1.66 4.23
N ASP A 108 -5.68 -1.41 3.62
CA ASP A 108 -6.42 -2.53 3.05
C ASP A 108 -5.72 -3.12 1.83
N GLN A 109 -5.02 -2.30 1.04
CA GLN A 109 -4.29 -2.88 -0.08
C GLN A 109 -3.26 -3.89 0.43
N VAL A 110 -2.55 -3.54 1.48
CA VAL A 110 -1.55 -4.41 2.08
C VAL A 110 -2.16 -5.67 2.68
N THR A 111 -3.27 -5.52 3.37
CA THR A 111 -3.95 -6.67 3.95
C THR A 111 -4.36 -7.67 2.86
N LEU A 112 -4.90 -7.17 1.77
CA LEU A 112 -5.30 -8.07 0.69
C LEU A 112 -4.11 -8.81 0.05
N LEU A 113 -3.03 -8.09 -0.21
CA LEU A 113 -1.83 -8.71 -0.76
C LEU A 113 -1.25 -9.70 0.25
N LYS A 114 -1.13 -9.27 1.51
CA LYS A 114 -0.61 -10.16 2.57
C LYS A 114 -1.26 -11.54 2.53
N TYR A 115 -2.59 -11.56 2.51
CA TYR A 115 -3.31 -12.81 2.64
C TYR A 115 -3.71 -13.47 1.31
N GLY A 116 -3.49 -12.77 0.20
CA GLY A 116 -3.84 -13.28 -1.12
C GLY A 116 -2.69 -13.67 -2.06
N VAL A 117 -1.46 -13.16 -1.86
CA VAL A 117 -0.47 -13.35 -2.90
C VAL A 117 -0.10 -14.81 -3.04
N HIS A 118 -0.01 -15.55 -1.94
CA HIS A 118 0.37 -16.94 -2.14
C HIS A 118 -0.65 -17.74 -2.88
N GLU A 119 -1.94 -17.53 -2.61
CA GLU A 119 -2.97 -18.17 -3.41
C GLU A 119 -2.82 -17.85 -4.90
N ALA A 120 -2.57 -16.60 -5.20
CA ALA A 120 -2.43 -16.14 -6.58
C ALA A 120 -1.16 -16.72 -7.21
N ILE A 121 -0.08 -16.76 -6.44
CA ILE A 121 1.17 -17.37 -6.92
C ILE A 121 0.96 -18.84 -7.29
N PHE A 122 0.31 -19.63 -6.44
CA PHE A 122 0.16 -21.05 -6.72
C PHE A 122 -0.85 -21.30 -7.84
N ALA A 123 -1.78 -20.39 -8.07
CA ALA A 123 -2.63 -20.49 -9.27
C ALA A 123 -1.86 -20.18 -10.55
N MET A 124 -1.09 -19.09 -10.53
N MET A 124 -1.11 -19.07 -10.53
CA MET A 124 -0.35 -18.68 -11.72
CA MET A 124 -0.34 -18.66 -11.69
C MET A 124 0.84 -19.58 -12.01
C MET A 124 0.74 -19.68 -12.01
N LEU A 125 1.30 -20.28 -10.97
CA LEU A 125 2.32 -21.30 -11.12
C LEU A 125 1.97 -22.34 -12.13
N ALA A 126 0.70 -22.75 -12.12
CA ALA A 126 0.22 -23.77 -13.05
C ALA A 126 0.57 -23.44 -14.49
N SER A 127 0.63 -22.15 -14.83
CA SER A 127 0.90 -21.73 -16.19
C SER A 127 2.30 -22.14 -16.68
N ILE A 128 3.24 -22.27 -15.77
CA ILE A 128 4.61 -22.67 -16.16
C ILE A 128 4.98 -24.11 -15.80
N VAL A 129 3.96 -24.90 -15.46
CA VAL A 129 4.10 -26.27 -14.96
C VAL A 129 3.48 -27.26 -15.94
N ASN A 130 4.15 -28.40 -16.12
CA ASN A 130 3.46 -29.57 -16.63
C ASN A 130 3.74 -30.73 -15.70
N LYS A 131 3.28 -31.93 -16.05
CA LYS A 131 3.38 -33.03 -15.10
C LYS A 131 4.85 -33.40 -14.86
N ASP A 132 5.74 -32.96 -15.73
CA ASP A 132 7.17 -33.36 -15.64
C ASP A 132 8.13 -32.34 -15.02
N GLY A 133 7.69 -31.12 -14.85
CA GLY A 133 8.52 -30.08 -14.27
C GLY A 133 7.98 -28.69 -14.52
N LEU A 134 8.82 -27.68 -14.30
CA LEU A 134 8.40 -26.29 -14.48
C LEU A 134 9.52 -25.44 -15.04
N LEU A 135 9.13 -24.35 -15.69
CA LEU A 135 10.04 -23.36 -16.24
C LEU A 135 10.66 -22.51 -15.17
N VAL A 136 11.94 -22.19 -15.37
CA VAL A 136 12.67 -21.30 -14.50
C VAL A 136 13.49 -20.37 -15.38
N ALA A 137 13.99 -19.30 -14.76
CA ALA A 137 14.90 -18.39 -15.41
C ALA A 137 14.23 -17.81 -16.65
N ASN A 138 13.08 -17.21 -16.44
CA ASN A 138 12.34 -16.62 -17.53
C ASN A 138 12.14 -17.56 -18.71
N GLY A 139 11.88 -18.83 -18.44
CA GLY A 139 11.71 -19.81 -19.49
C GLY A 139 12.97 -20.38 -20.13
N SER A 140 14.15 -19.98 -19.66
N SER A 140 14.16 -19.99 -19.67
CA SER A 140 15.41 -20.45 -20.25
CA SER A 140 15.41 -20.48 -20.28
C SER A 140 15.78 -21.83 -19.73
C SER A 140 15.87 -21.81 -19.67
N GLY A 141 15.19 -22.21 -18.60
CA GLY A 141 15.44 -23.50 -17.99
C GLY A 141 14.16 -24.24 -17.67
N PHE A 142 14.29 -25.54 -17.48
CA PHE A 142 13.19 -26.40 -17.06
C PHE A 142 13.70 -27.32 -15.98
N VAL A 143 13.12 -27.20 -14.79
CA VAL A 143 13.53 -28.06 -13.68
C VAL A 143 12.55 -29.23 -13.53
N THR A 144 13.07 -30.46 -13.49
CA THR A 144 12.19 -31.60 -13.44
C THR A 144 11.62 -31.78 -12.07
N ARG A 145 10.37 -32.24 -12.08
CA ARG A 145 9.63 -32.60 -10.90
C ARG A 145 10.35 -33.69 -10.15
N GLU A 146 10.93 -34.63 -10.91
CA GLU A 146 11.65 -35.76 -10.30
C GLU A 146 12.86 -35.26 -9.52
N PHE A 147 13.60 -34.31 -10.08
CA PHE A 147 14.71 -33.72 -9.35
C PHE A 147 14.21 -33.01 -8.09
N LEU A 148 13.13 -32.24 -8.17
CA LEU A 148 12.62 -31.59 -6.96
C LEU A 148 12.21 -32.60 -5.89
N ARG A 149 11.69 -33.76 -6.30
CA ARG A 149 11.28 -34.83 -5.38
C ARG A 149 12.46 -35.42 -4.63
N SER A 150 13.61 -35.37 -5.29
CA SER A 150 14.85 -35.91 -4.78
C SER A 150 15.51 -35.08 -3.68
N LEU A 151 15.03 -33.88 -3.44
CA LEU A 151 15.62 -33.01 -2.42
C LEU A 151 15.25 -33.54 -1.05
N ARG A 152 16.00 -33.17 0.00
CA ARG A 152 15.68 -33.74 1.29
C ARG A 152 14.44 -33.03 1.83
N LYS A 153 13.72 -33.75 2.68
CA LYS A 153 12.68 -33.13 3.46
C LYS A 153 13.42 -32.11 4.30
N PRO A 154 12.81 -30.99 4.55
CA PRO A 154 11.43 -30.57 4.25
C PRO A 154 11.21 -29.92 2.88
N PHE A 155 12.25 -29.85 2.05
CA PHE A 155 12.16 -29.05 0.85
C PHE A 155 11.42 -29.77 -0.27
N SER A 156 11.57 -31.08 -0.39
CA SER A 156 10.78 -31.83 -1.38
C SER A 156 9.28 -31.77 -1.05
N ASP A 157 8.94 -31.90 0.23
CA ASP A 157 7.54 -31.93 0.66
C ASP A 157 6.77 -30.65 0.42
N ILE A 158 7.45 -29.51 0.49
CA ILE A 158 6.75 -28.23 0.28
C ILE A 158 6.54 -27.98 -1.21
N ILE A 159 7.23 -28.75 -2.07
CA ILE A 159 7.11 -28.53 -3.51
C ILE A 159 6.03 -29.39 -4.17
N GLU A 160 6.01 -30.68 -3.91
CA GLU A 160 5.14 -31.59 -4.66
C GLU A 160 3.61 -31.23 -4.62
N PRO A 161 3.07 -30.81 -3.47
CA PRO A 161 1.64 -30.42 -3.47
C PRO A 161 1.24 -29.38 -4.50
N LYS A 162 2.17 -28.50 -4.85
CA LYS A 162 1.87 -27.45 -5.84
C LYS A 162 1.77 -28.06 -7.22
N PHE A 163 2.56 -29.09 -7.52
CA PHE A 163 2.41 -29.81 -8.78
C PHE A 163 1.07 -30.52 -8.86
N GLU A 164 0.67 -31.17 -7.76
CA GLU A 164 -0.59 -31.89 -7.74
C GLU A 164 -1.74 -30.92 -8.07
N PHE A 165 -1.71 -29.75 -7.44
CA PHE A 165 -2.75 -28.72 -7.71
C PHE A 165 -2.71 -28.26 -9.15
N ALA A 166 -1.51 -27.93 -9.62
CA ALA A 166 -1.31 -27.33 -10.96
C ALA A 166 -1.76 -28.20 -12.10
N VAL A 167 -1.50 -29.51 -12.03
CA VAL A 167 -1.85 -30.40 -13.11
C VAL A 167 -3.40 -30.46 -13.20
N LYS A 168 -4.07 -30.51 -12.06
CA LYS A 168 -5.53 -30.56 -12.05
C LYS A 168 -6.04 -29.23 -12.58
N PHE A 169 -5.44 -28.14 -12.12
CA PHE A 169 -5.89 -26.81 -12.52
C PHE A 169 -5.72 -26.61 -14.03
N ASN A 170 -4.62 -27.10 -14.59
CA ASN A 170 -4.41 -26.97 -16.03
C ASN A 170 -5.37 -27.75 -16.90
N ALA A 171 -5.97 -28.82 -16.35
CA ALA A 171 -6.97 -29.54 -17.09
C ALA A 171 -8.19 -28.68 -17.42
N LEU A 172 -8.42 -27.58 -16.68
CA LEU A 172 -9.55 -26.67 -16.96
C LEU A 172 -9.27 -25.78 -18.16
N GLU A 173 -8.00 -25.76 -18.59
CA GLU A 173 -7.62 -25.07 -19.85
C GLU A 173 -8.00 -23.59 -19.83
N LEU A 174 -7.80 -22.92 -18.71
CA LEU A 174 -7.91 -21.45 -18.70
C LEU A 174 -6.86 -20.81 -19.61
N ASP A 175 -7.20 -19.66 -20.19
CA ASP A 175 -6.21 -18.84 -20.92
C ASP A 175 -5.90 -17.59 -20.10
N ASP A 176 -5.07 -16.69 -20.65
CA ASP A 176 -4.58 -15.56 -19.85
C ASP A 176 -5.73 -14.59 -19.50
N SER A 177 -6.67 -14.43 -20.42
CA SER A 177 -7.84 -13.57 -20.17
C SER A 177 -8.72 -14.11 -19.01
N ASP A 178 -8.86 -15.44 -18.89
CA ASP A 178 -9.51 -16.05 -17.74
C ASP A 178 -8.71 -15.83 -16.45
N LEU A 179 -7.41 -16.06 -16.54
CA LEU A 179 -6.58 -15.96 -15.35
C LEU A 179 -6.54 -14.56 -14.79
N ALA A 180 -6.62 -13.55 -15.66
CA ALA A 180 -6.58 -12.18 -15.16
C ALA A 180 -7.75 -11.95 -14.20
N LEU A 181 -8.92 -12.45 -14.54
CA LEU A 181 -10.08 -12.29 -13.72
C LEU A 181 -10.00 -13.17 -12.47
N PHE A 182 -9.51 -14.39 -12.65
CA PHE A 182 -9.45 -15.34 -11.57
C PHE A 182 -8.48 -14.81 -10.51
N ILE A 183 -7.31 -14.34 -10.92
CA ILE A 183 -6.35 -13.80 -9.96
C ILE A 183 -6.84 -12.51 -9.31
N ALA A 184 -7.54 -11.65 -10.08
CA ALA A 184 -8.11 -10.44 -9.51
C ALA A 184 -9.10 -10.80 -8.40
N ALA A 185 -9.90 -11.85 -8.63
CA ALA A 185 -10.84 -12.35 -7.63
C ALA A 185 -10.17 -12.91 -6.36
N ILE A 186 -9.09 -13.64 -6.55
N ILE A 186 -8.99 -13.47 -6.51
CA ILE A 186 -8.30 -14.15 -5.42
CA ILE A 186 -8.19 -13.89 -5.36
C ILE A 186 -7.85 -12.99 -4.53
C ILE A 186 -7.63 -12.72 -4.53
N ILE A 187 -7.32 -11.94 -5.14
N ILE A 187 -7.15 -11.67 -5.19
CA ILE A 187 -6.74 -10.83 -4.37
CA ILE A 187 -6.57 -10.53 -4.47
C ILE A 187 -7.85 -9.96 -3.76
C ILE A 187 -7.68 -9.67 -3.85
N LEU A 188 -8.77 -9.50 -4.59
CA LEU A 188 -9.92 -8.70 -4.10
C LEU A 188 -10.94 -9.59 -3.39
N CYS A 189 -10.59 -10.00 -2.18
CA CYS A 189 -11.30 -11.04 -1.45
C CYS A 189 -11.75 -10.50 -0.10
N GLY A 190 -13.05 -10.41 0.10
CA GLY A 190 -13.57 -9.77 1.28
C GLY A 190 -13.42 -10.59 2.53
N ASP A 191 -12.90 -11.81 2.44
CA ASP A 191 -12.78 -12.70 3.59
C ASP A 191 -11.48 -12.49 4.39
N ARG A 192 -10.56 -11.66 3.93
CA ARG A 192 -9.24 -11.59 4.57
C ARG A 192 -9.33 -10.98 5.95
N PRO A 193 -8.60 -11.53 6.90
CA PRO A 193 -8.62 -11.02 8.27
C PRO A 193 -8.08 -9.59 8.39
N GLY A 194 -8.72 -8.80 9.23
CA GLY A 194 -8.20 -7.46 9.51
C GLY A 194 -8.58 -6.38 8.50
N LEU A 195 -9.31 -6.75 7.45
CA LEU A 195 -9.77 -5.73 6.50
C LEU A 195 -10.55 -4.64 7.18
N MET A 196 -10.30 -3.41 6.73
CA MET A 196 -10.98 -2.27 7.30
C MET A 196 -12.35 -2.10 6.67
N ASN A 197 -12.42 -2.07 5.34
CA ASN A 197 -13.69 -1.82 4.66
C ASN A 197 -14.16 -3.09 3.93
N VAL A 198 -14.75 -3.98 4.70
CA VAL A 198 -15.13 -5.28 4.18
C VAL A 198 -16.23 -5.17 3.10
N PRO A 199 -17.26 -4.35 3.33
CA PRO A 199 -18.34 -4.27 2.35
C PRO A 199 -17.84 -3.77 1.02
N ARG A 200 -16.90 -2.82 1.03
CA ARG A 200 -16.31 -2.36 -0.22
C ARG A 200 -15.55 -3.47 -0.97
N VAL A 201 -14.70 -4.23 -0.27
CA VAL A 201 -13.98 -5.31 -0.92
C VAL A 201 -14.97 -6.42 -1.37
N GLU A 202 -15.98 -6.70 -0.55
CA GLU A 202 -16.99 -7.70 -0.93
C GLU A 202 -17.68 -7.32 -2.23
N ALA A 203 -18.00 -6.05 -2.37
CA ALA A 203 -18.65 -5.55 -3.57
C ALA A 203 -17.77 -5.66 -4.79
N ILE A 204 -16.49 -5.30 -4.65
CA ILE A 204 -15.55 -5.45 -5.74
C ILE A 204 -15.42 -6.93 -6.13
N GLN A 205 -15.29 -7.80 -5.12
CA GLN A 205 -15.12 -9.22 -5.34
C GLN A 205 -16.29 -9.73 -6.17
N ASP A 206 -17.48 -9.31 -5.79
CA ASP A 206 -18.67 -9.79 -6.45
C ASP A 206 -18.73 -9.31 -7.90
N THR A 207 -18.35 -8.06 -8.13
CA THR A 207 -18.26 -7.56 -9.50
C THR A 207 -17.30 -8.39 -10.40
N ILE A 208 -16.14 -8.74 -9.86
CA ILE A 208 -15.14 -9.54 -10.60
C ILE A 208 -15.69 -10.92 -10.89
N LEU A 209 -16.35 -11.52 -9.90
CA LEU A 209 -16.96 -12.83 -10.08
C LEU A 209 -18.09 -12.84 -11.14
N ARG A 210 -18.97 -11.83 -11.15
CA ARG A 210 -19.97 -11.77 -12.23
C ARG A 210 -19.29 -11.53 -13.57
N ALA A 211 -18.25 -10.74 -13.59
CA ALA A 211 -17.52 -10.52 -14.83
C ALA A 211 -16.92 -11.86 -15.31
N LEU A 212 -16.36 -12.60 -14.38
CA LEU A 212 -15.77 -13.89 -14.69
C LEU A 212 -16.80 -14.85 -15.24
N GLU A 213 -17.98 -14.96 -14.66
CA GLU A 213 -18.92 -15.99 -15.12
C GLU A 213 -19.41 -15.65 -16.52
N PHE A 214 -19.60 -14.36 -16.80
CA PHE A 214 -20.00 -13.97 -18.14
C PHE A 214 -18.83 -14.20 -19.11
N HIS A 215 -17.60 -13.87 -18.69
CA HIS A 215 -16.41 -14.06 -19.52
C HIS A 215 -16.32 -15.52 -19.95
N LEU A 216 -16.56 -16.45 -19.03
CA LEU A 216 -16.53 -17.88 -19.33
C LEU A 216 -17.68 -18.35 -20.25
N GLN A 217 -18.83 -17.69 -20.13
N GLN A 217 -18.83 -17.71 -20.17
CA GLN A 217 -19.95 -17.97 -21.05
CA GLN A 217 -19.92 -18.12 -21.07
C GLN A 217 -19.49 -17.75 -22.47
C GLN A 217 -19.57 -17.71 -22.51
N ALA A 218 -18.76 -16.65 -22.66
CA ALA A 218 -18.36 -16.22 -24.00
C ALA A 218 -17.16 -17.00 -24.50
N ASN A 219 -16.13 -17.05 -23.66
CA ASN A 219 -14.80 -17.61 -24.02
C ASN A 219 -14.80 -19.16 -24.00
N HIS A 220 -15.58 -19.76 -23.10
CA HIS A 220 -15.71 -21.22 -23.00
C HIS A 220 -17.17 -21.71 -23.08
N PRO A 221 -17.82 -21.47 -24.23
CA PRO A 221 -19.25 -21.74 -24.34
C PRO A 221 -19.64 -23.20 -24.07
N ASP A 222 -18.70 -24.14 -24.24
CA ASP A 222 -19.03 -25.56 -24.17
C ASP A 222 -18.61 -26.22 -22.86
N ALA A 223 -17.97 -25.45 -21.97
CA ALA A 223 -17.38 -26.02 -20.77
C ALA A 223 -18.33 -25.98 -19.57
N GLN A 224 -19.04 -27.09 -19.37
CA GLN A 224 -20.05 -27.16 -18.34
C GLN A 224 -19.48 -27.10 -16.92
N TYR A 225 -20.16 -26.34 -16.09
N TYR A 225 -20.17 -26.33 -16.10
CA TYR A 225 -19.82 -26.20 -14.67
CA TYR A 225 -19.85 -26.19 -14.68
C TYR A 225 -18.49 -25.52 -14.41
C TYR A 225 -18.47 -25.56 -14.44
N LEU A 226 -17.92 -24.85 -15.42
CA LEU A 226 -16.57 -24.30 -15.28
C LEU A 226 -16.53 -23.21 -14.22
N PHE A 227 -17.57 -22.38 -14.14
CA PHE A 227 -17.53 -21.36 -13.12
C PHE A 227 -17.57 -21.93 -11.70
N PRO A 228 -18.56 -22.80 -11.38
CA PRO A 228 -18.51 -23.38 -10.02
C PRO A 228 -17.22 -24.15 -9.74
N LYS A 229 -16.67 -24.77 -10.77
CA LYS A 229 -15.37 -25.48 -10.60
C LYS A 229 -14.30 -24.53 -10.16
N LEU A 230 -14.25 -23.33 -10.76
CA LEU A 230 -13.27 -22.31 -10.36
C LEU A 230 -13.53 -21.74 -8.97
N LEU A 231 -14.78 -21.66 -8.51
CA LEU A 231 -15.05 -21.23 -7.13
C LEU A 231 -14.44 -22.27 -6.19
N GLN A 232 -14.61 -23.54 -6.51
CA GLN A 232 -14.02 -24.59 -5.70
C GLN A 232 -12.48 -24.49 -5.71
N LYS A 233 -11.88 -24.22 -6.87
CA LYS A 233 -10.40 -24.02 -6.90
C LYS A 233 -9.97 -22.87 -6.01
N MET A 234 -10.80 -21.83 -5.88
CA MET A 234 -10.47 -20.73 -4.97
C MET A 234 -10.47 -21.23 -3.53
N ALA A 235 -11.44 -22.08 -3.21
CA ALA A 235 -11.48 -22.69 -1.86
C ALA A 235 -10.26 -23.59 -1.68
N ASP A 236 -9.94 -24.38 -2.70
CA ASP A 236 -8.82 -25.31 -2.67
C ASP A 236 -7.50 -24.58 -2.42
N LEU A 237 -7.37 -23.40 -3.01
CA LEU A 237 -6.14 -22.62 -2.90
C LEU A 237 -5.92 -22.14 -1.46
N ARG A 238 -7.00 -21.87 -0.74
CA ARG A 238 -6.89 -21.48 0.66
C ARG A 238 -6.28 -22.62 1.46
N GLN A 239 -6.73 -23.83 1.15
CA GLN A 239 -6.26 -24.98 1.91
C GLN A 239 -4.79 -25.22 1.55
N LEU A 240 -4.45 -25.05 0.29
CA LEU A 240 -3.07 -25.25 -0.20
C LEU A 240 -2.14 -24.28 0.51
N VAL A 241 -2.58 -23.05 0.69
CA VAL A 241 -1.78 -22.04 1.36
C VAL A 241 -1.71 -22.28 2.88
N THR A 242 -2.80 -22.74 3.49
CA THR A 242 -2.78 -23.13 4.90
C THR A 242 -1.65 -24.18 5.13
N GLU A 243 -1.63 -25.21 4.28
N GLU A 243 -1.68 -25.22 4.29
CA GLU A 243 -0.64 -26.28 4.38
CA GLU A 243 -0.65 -26.27 4.28
C GLU A 243 0.76 -25.79 4.04
C GLU A 243 0.72 -25.64 4.16
N HIS A 244 0.88 -24.84 3.12
CA HIS A 244 2.12 -24.21 2.80
C HIS A 244 2.68 -23.45 4.00
N ALA A 245 1.85 -22.62 4.62
CA ALA A 245 2.27 -21.88 5.79
C ALA A 245 2.71 -22.78 6.95
N GLN A 246 2.01 -23.91 7.15
CA GLN A 246 2.37 -24.85 8.22
C GLN A 246 3.74 -25.44 7.92
N MET A 247 3.97 -25.76 6.66
CA MET A 247 5.27 -26.30 6.26
C MET A 247 6.34 -25.25 6.45
N MET A 248 6.04 -24.01 6.16
CA MET A 248 7.00 -22.94 6.39
C MET A 248 7.27 -22.75 7.88
N GLN A 249 6.29 -22.99 8.74
CA GLN A 249 6.51 -22.88 10.18
C GLN A 249 7.52 -23.98 10.57
N ARG A 250 7.38 -25.16 9.98
CA ARG A 250 8.31 -26.22 10.31
C ARG A 250 9.72 -25.94 9.79
N ILE A 251 9.87 -25.36 8.60
CA ILE A 251 11.18 -24.96 8.14
C ILE A 251 11.82 -23.91 9.06
N LYS A 252 11.06 -22.90 9.47
CA LYS A 252 11.55 -21.92 10.46
C LYS A 252 11.99 -22.60 11.77
N LYS A 253 11.27 -23.64 12.22
CA LYS A 253 11.58 -24.27 13.49
C LYS A 253 12.81 -25.17 13.39
N THR A 254 12.89 -25.92 12.29
CA THR A 254 13.84 -27.05 12.24
C THR A 254 15.04 -26.82 11.32
N GLU A 255 14.96 -25.81 10.47
CA GLU A 255 16.02 -25.50 9.49
C GLU A 255 16.60 -24.10 9.77
N THR A 256 17.28 -23.99 10.90
CA THR A 256 17.62 -22.69 11.46
C THR A 256 18.72 -22.00 10.66
N GLU A 257 19.51 -22.77 9.93
CA GLU A 257 20.50 -22.24 8.99
C GLU A 257 19.92 -21.67 7.69
N THR A 258 18.64 -21.95 7.42
CA THR A 258 18.03 -21.49 6.19
C THR A 258 17.49 -20.08 6.38
N SER A 259 17.88 -19.18 5.47
N SER A 259 17.94 -19.18 5.51
CA SER A 259 17.53 -17.77 5.58
CA SER A 259 17.52 -17.79 5.56
C SER A 259 16.19 -17.49 4.92
C SER A 259 16.09 -17.70 5.06
N LEU A 260 15.31 -16.81 5.65
CA LEU A 260 13.96 -16.55 5.20
C LEU A 260 13.83 -15.06 4.90
N HIS A 261 13.40 -14.74 3.69
CA HIS A 261 13.32 -13.37 3.21
C HIS A 261 12.38 -12.56 4.10
N PRO A 262 12.78 -11.34 4.48
CA PRO A 262 12.00 -10.60 5.48
C PRO A 262 10.58 -10.22 5.00
N LEU A 263 10.36 -10.06 3.70
CA LEU A 263 9.02 -9.76 3.22
C LEU A 263 8.11 -10.96 3.46
N LEU A 264 8.62 -12.15 3.18
CA LEU A 264 7.81 -13.34 3.41
C LEU A 264 7.60 -13.53 4.91
N GLN A 265 8.60 -13.22 5.75
CA GLN A 265 8.41 -13.23 7.22
C GLN A 265 7.19 -12.36 7.64
N GLU A 266 7.11 -11.16 7.08
N GLU A 266 7.10 -11.17 7.06
CA GLU A 266 6.01 -10.24 7.38
CA GLU A 266 6.01 -10.25 7.37
C GLU A 266 4.67 -10.88 6.97
C GLU A 266 4.66 -10.81 6.93
N ILE A 267 4.67 -11.57 5.84
CA ILE A 267 3.45 -12.25 5.35
C ILE A 267 3.01 -13.35 6.29
N TYR A 268 3.94 -14.21 6.76
CA TYR A 268 3.57 -15.30 7.68
C TYR A 268 3.39 -14.85 9.14
N LYS A 269 3.91 -13.66 9.46
CA LYS A 269 3.91 -13.09 10.81
C LYS A 269 2.71 -13.52 11.66
N ASP A 270 1.53 -13.41 11.09
CA ASP A 270 0.30 -13.62 11.83
C ASP A 270 -0.41 -14.91 11.48
N MET A 271 -0.57 -15.20 10.19
CA MET A 271 -1.21 -16.43 9.67
C MET A 271 -1.33 -17.56 10.70
N ALA B 4 22.85 12.21 -6.98
CA ALA B 4 21.51 12.81 -7.09
C ALA B 4 21.56 14.34 -7.20
N ASP B 5 20.95 14.88 -8.24
CA ASP B 5 20.82 16.33 -8.41
C ASP B 5 19.76 16.89 -7.45
N LEU B 6 20.19 17.63 -6.43
CA LEU B 6 19.29 18.03 -5.35
C LEU B 6 18.33 19.15 -5.76
N LYS B 7 18.71 19.99 -6.71
N LYS B 7 18.74 19.96 -6.73
CA LYS B 7 17.78 21.01 -7.16
CA LYS B 7 17.92 21.04 -7.27
C LYS B 7 16.64 20.32 -7.89
C LYS B 7 16.71 20.45 -8.00
N ALA B 8 16.97 19.43 -8.82
CA ALA B 8 15.93 18.69 -9.53
C ALA B 8 15.01 17.92 -8.58
N PHE B 9 15.62 17.25 -7.61
CA PHE B 9 14.91 16.54 -6.56
C PHE B 9 13.95 17.48 -5.84
N SER B 10 14.47 18.58 -5.33
CA SER B 10 13.60 19.52 -4.60
C SER B 10 12.39 19.91 -5.44
N LYS B 11 12.64 20.16 -6.73
CA LYS B 11 11.66 20.74 -7.63
C LYS B 11 10.57 19.73 -7.90
N HIS B 12 10.97 18.47 -8.08
CA HIS B 12 10.03 17.36 -8.20
C HIS B 12 9.11 17.22 -6.99
N ILE B 13 9.68 17.36 -5.80
CA ILE B 13 8.90 17.23 -4.59
C ILE B 13 7.95 18.44 -4.43
N TYR B 14 8.44 19.61 -4.81
CA TYR B 14 7.59 20.82 -4.75
C TYR B 14 6.40 20.69 -5.71
N ASN B 15 6.62 20.21 -6.93
CA ASN B 15 5.50 20.01 -7.85
C ASN B 15 4.50 18.94 -7.36
N ALA B 16 5.02 17.83 -6.85
CA ALA B 16 4.19 16.78 -6.28
C ALA B 16 3.31 17.35 -5.16
N TYR B 17 3.89 18.26 -4.39
CA TYR B 17 3.17 18.90 -3.30
C TYR B 17 2.05 19.81 -3.86
N LEU B 18 2.36 20.60 -4.88
CA LEU B 18 1.34 21.44 -5.50
C LEU B 18 0.25 20.64 -6.15
N LYS B 19 0.59 19.46 -6.65
CA LYS B 19 -0.38 18.63 -7.37
C LYS B 19 -1.34 17.94 -6.40
N ASN B 20 -0.89 17.67 -5.17
CA ASN B 20 -1.68 16.86 -4.23
C ASN B 20 -2.32 17.59 -3.06
N PHE B 21 -1.92 18.83 -2.81
CA PHE B 21 -2.58 19.63 -1.76
C PHE B 21 -3.31 20.82 -2.33
N ASN B 22 -4.64 20.83 -2.26
N ASN B 22 -4.64 20.77 -2.25
CA ASN B 22 -5.37 21.95 -2.88
CA ASN B 22 -5.51 21.84 -2.73
C ASN B 22 -5.05 23.26 -2.18
C ASN B 22 -5.06 23.19 -2.16
N MET B 23 -5.12 23.27 -0.84
CA MET B 23 -4.79 24.49 -0.11
C MET B 23 -3.27 24.56 0.13
N THR B 24 -2.65 25.58 -0.43
CA THR B 24 -1.23 25.86 -0.17
C THR B 24 -1.11 27.01 0.82
N LYS B 25 0.07 27.17 1.42
CA LYS B 25 0.30 28.28 2.33
C LYS B 25 0.19 29.61 1.61
N LYS B 26 0.67 29.66 0.37
CA LYS B 26 0.50 30.84 -0.48
C LYS B 26 -0.99 31.19 -0.61
N LYS B 27 -1.83 30.21 -0.93
CA LYS B 27 -3.25 30.49 -1.11
C LYS B 27 -3.88 30.89 0.23
N ALA B 28 -3.50 30.17 1.29
CA ALA B 28 -4.02 30.36 2.63
C ALA B 28 -3.71 31.77 3.14
N ARG B 29 -2.47 32.19 2.95
CA ARG B 29 -2.04 33.50 3.45
C ARG B 29 -2.69 34.65 2.69
N SER B 30 -2.91 34.50 1.38
CA SER B 30 -3.59 35.55 0.63
C SER B 30 -5.07 35.69 1.07
N ILE B 31 -5.66 34.62 1.60
CA ILE B 31 -7.00 34.69 2.20
C ILE B 31 -6.94 35.39 3.55
N LEU B 32 -6.04 34.94 4.41
CA LEU B 32 -5.98 35.43 5.78
C LEU B 32 -5.48 36.85 5.89
N THR B 33 -4.88 37.37 4.82
CA THR B 33 -4.45 38.78 4.79
C THR B 33 -5.33 39.69 3.89
N GLY B 34 -6.46 39.19 3.42
CA GLY B 34 -7.41 40.03 2.71
C GLY B 34 -6.98 40.35 1.28
N LYS B 35 -6.31 39.39 0.66
CA LYS B 35 -5.77 39.53 -0.69
C LYS B 35 -6.66 38.81 -1.72
N THR B 39 -13.06 36.60 -1.89
CA THR B 39 -14.06 36.63 -0.83
C THR B 39 -13.41 36.50 0.54
N ALA B 40 -13.94 37.20 1.55
CA ALA B 40 -13.43 37.05 2.92
C ALA B 40 -14.14 35.88 3.60
N PRO B 41 -13.41 35.15 4.47
CA PRO B 41 -14.00 33.93 5.06
C PRO B 41 -15.09 34.30 6.08
N PHE B 42 -16.12 33.48 6.13
CA PHE B 42 -17.17 33.59 7.15
C PHE B 42 -16.62 33.19 8.51
N VAL B 43 -16.82 34.05 9.51
CA VAL B 43 -16.25 33.74 10.83
C VAL B 43 -17.19 32.91 11.70
N ILE B 44 -16.68 31.78 12.14
CA ILE B 44 -17.37 30.86 13.04
C ILE B 44 -16.80 30.99 14.43
N HIS B 45 -17.59 31.49 15.36
CA HIS B 45 -17.08 31.81 16.68
C HIS B 45 -18.07 31.40 17.79
N ASP B 46 -19.16 30.75 17.39
CA ASP B 46 -20.20 30.30 18.36
C ASP B 46 -21.21 29.35 17.71
N ILE B 47 -22.23 28.93 18.44
CA ILE B 47 -23.16 27.95 17.89
C ILE B 47 -23.90 28.53 16.70
N GLU B 48 -24.40 29.76 16.80
CA GLU B 48 -25.20 30.33 15.72
C GLU B 48 -24.42 30.39 14.43
N THR B 49 -23.17 30.85 14.50
CA THR B 49 -22.40 31.02 13.29
C THR B 49 -21.92 29.65 12.77
N LEU B 50 -21.68 28.69 13.65
CA LEU B 50 -21.41 27.37 13.18
C LEU B 50 -22.61 26.79 12.41
N TRP B 51 -23.80 27.00 12.93
CA TRP B 51 -25.02 26.54 12.25
C TRP B 51 -25.15 27.19 10.88
N GLN B 52 -25.00 28.52 10.85
CA GLN B 52 -25.08 29.28 9.61
C GLN B 52 -24.03 28.78 8.59
N ALA B 53 -22.87 28.39 9.10
CA ALA B 53 -21.76 27.93 8.24
C ALA B 53 -22.08 26.58 7.64
N GLU B 54 -22.75 25.74 8.43
CA GLU B 54 -23.07 24.41 7.95
C GLU B 54 -24.15 24.51 6.86
N LYS B 55 -24.99 25.53 6.95
CA LYS B 55 -26.00 25.75 5.92
C LYS B 55 -25.48 26.42 4.63
N GLY B 56 -24.57 27.37 4.79
CA GLY B 56 -24.21 28.28 3.72
C GLY B 56 -22.82 28.10 3.15
N LEU B 57 -21.92 27.39 3.87
CA LEU B 57 -20.62 27.03 3.31
C LEU B 57 -20.65 25.66 2.64
N VAL B 58 -19.82 25.53 1.61
CA VAL B 58 -19.60 24.26 0.93
C VAL B 58 -18.50 23.45 1.61
N TRP B 59 -18.85 22.28 2.14
CA TRP B 59 -17.90 21.39 2.82
C TRP B 59 -17.63 20.12 1.96
N LYS B 60 -16.37 19.68 1.86
CA LYS B 60 -16.00 18.48 1.08
C LYS B 60 -16.81 17.25 1.53
N GLN B 61 -16.94 17.11 2.85
CA GLN B 61 -17.74 16.06 3.47
C GLN B 61 -19.11 16.61 3.86
N LEU B 62 -20.17 16.07 3.29
CA LEU B 62 -21.52 16.55 3.57
C LEU B 62 -21.96 16.20 4.99
N VAL B 63 -22.68 17.13 5.62
CA VAL B 63 -23.05 17.03 7.03
C VAL B 63 -23.89 15.78 7.29
N ASN B 64 -24.70 15.41 6.30
CA ASN B 64 -25.52 14.20 6.39
C ASN B 64 -24.64 12.98 6.65
N GLY B 65 -23.46 12.97 6.06
CA GLY B 65 -22.53 11.85 6.16
C GLY B 65 -21.83 11.71 7.50
N LEU B 66 -21.81 12.79 8.28
CA LEU B 66 -21.31 12.72 9.63
C LEU B 66 -22.38 12.12 10.55
N PRO B 67 -21.97 11.68 11.75
CA PRO B 67 -22.94 11.17 12.73
C PRO B 67 -23.88 12.24 13.30
N PRO B 68 -25.06 11.84 13.76
CA PRO B 68 -26.10 12.83 14.12
C PRO B 68 -25.71 13.79 15.25
N TYR B 69 -25.96 15.08 15.06
CA TYR B 69 -25.51 16.08 16.01
C TYR B 69 -26.00 15.85 17.43
N LYS B 70 -25.07 15.57 18.35
CA LYS B 70 -25.39 15.49 19.77
C LYS B 70 -25.07 16.83 20.41
N GLU B 71 -23.86 17.28 20.15
CA GLU B 71 -23.41 18.51 20.77
C GLU B 71 -22.34 19.13 19.96
N ILE B 72 -22.14 20.42 20.22
CA ILE B 72 -21.21 21.26 19.49
C ILE B 72 -19.79 20.72 19.55
N SER B 73 -19.35 20.28 20.72
CA SER B 73 -17.96 19.87 20.88
C SER B 73 -17.67 18.61 20.07
N VAL B 74 -18.65 17.71 19.98
CA VAL B 74 -18.47 16.46 19.26
C VAL B 74 -18.60 16.69 17.75
N HIS B 75 -19.52 17.56 17.36
CA HIS B 75 -19.63 17.92 15.95
C HIS B 75 -18.33 18.57 15.48
N VAL B 76 -17.72 19.43 16.28
CA VAL B 76 -16.46 20.03 15.90
C VAL B 76 -15.40 18.91 15.75
N PHE B 77 -15.42 17.97 16.67
N PHE B 77 -15.38 18.00 16.70
CA PHE B 77 -14.46 16.87 16.68
CA PHE B 77 -14.43 16.90 16.63
C PHE B 77 -14.63 15.96 15.44
C PHE B 77 -14.62 16.18 15.29
N TYR B 78 -15.85 15.85 14.94
CA TYR B 78 -16.12 15.14 13.68
C TYR B 78 -15.63 15.93 12.46
N ARG B 79 -15.81 17.25 12.44
CA ARG B 79 -15.24 18.05 11.34
C ARG B 79 -13.68 17.98 11.32
N CYS B 80 -13.06 17.98 12.49
CA CYS B 80 -11.60 17.76 12.59
C CYS B 80 -11.22 16.40 11.98
N GLN B 81 -11.96 15.36 12.36
CA GLN B 81 -11.70 14.00 11.89
C GLN B 81 -11.81 13.95 10.38
N CME B 82 -12.87 14.58 9.85
CA CME B 82 -13.09 14.57 8.43
CB CME B 82 -14.36 15.26 7.90
SG CME B 82 -15.76 14.30 8.32
SD CME B 82 -15.49 12.18 8.18
CE CME B 82 -14.38 11.55 6.94
CZ CME B 82 -14.48 12.05 5.51
OH CME B 82 -13.16 12.39 5.08
C CME B 82 -11.90 15.15 7.66
O CME B 82 -11.41 14.59 6.70
HA CME B 82 -13.16 13.48 8.13
HB2 CME B 82 -14.29 15.41 6.79
HB3 CME B 82 -14.52 16.25 8.39
HE2 CME B 82 -14.61 10.45 6.95
HE3 CME B 82 -13.31 11.66 7.27
HZ2 CME B 82 -15.15 12.96 5.46
HZ3 CME B 82 -14.90 11.24 4.84
HH CME B 82 -13.25 12.74 4.19
N THR B 83 -11.41 16.28 8.13
CA THR B 83 -10.33 16.96 7.44
C THR B 83 -9.03 16.15 7.63
N THR B 84 -8.88 15.55 8.80
N THR B 84 -8.81 15.53 8.79
CA THR B 84 -7.71 14.72 9.08
CA THR B 84 -7.56 14.76 8.94
C THR B 84 -7.60 13.58 8.05
C THR B 84 -7.57 13.54 8.01
N VAL B 85 -8.70 12.84 7.88
CA VAL B 85 -8.75 11.70 6.96
C VAL B 85 -8.51 12.17 5.52
N GLU B 86 -9.14 13.28 5.13
N GLU B 86 -9.14 13.28 5.11
CA GLU B 86 -8.92 13.85 3.80
CA GLU B 86 -8.90 13.84 3.78
C GLU B 86 -7.45 14.23 3.57
C GLU B 86 -7.41 14.16 3.59
N THR B 87 -6.77 14.69 4.61
CA THR B 87 -5.37 15.06 4.49
C THR B 87 -4.47 13.81 4.46
N VAL B 88 -4.86 12.75 5.15
CA VAL B 88 -4.16 11.47 5.01
C VAL B 88 -4.23 11.02 3.57
N ARG B 89 -5.38 11.20 2.91
CA ARG B 89 -5.50 10.84 1.50
C ARG B 89 -4.51 11.64 0.66
N GLU B 90 -4.39 12.92 0.94
CA GLU B 90 -3.51 13.75 0.13
C GLU B 90 -2.05 13.38 0.36
N LEU B 91 -1.72 13.14 1.62
CA LEU B 91 -0.37 12.75 1.98
C LEU B 91 0.04 11.41 1.33
N THR B 92 -0.90 10.49 1.21
CA THR B 92 -0.63 9.21 0.59
C THR B 92 -0.27 9.42 -0.89
N GLU B 93 -1.02 10.25 -1.59
CA GLU B 93 -0.74 10.48 -3.00
C GLU B 93 0.55 11.28 -3.16
N PHE B 94 0.75 12.26 -2.28
CA PHE B 94 2.00 13.03 -2.30
C PHE B 94 3.23 12.10 -2.13
N ALA B 95 3.18 11.19 -1.15
CA ALA B 95 4.29 10.28 -0.89
C ALA B 95 4.56 9.38 -2.09
N LYS B 96 3.50 8.81 -2.64
CA LYS B 96 3.63 7.94 -3.79
C LYS B 96 4.17 8.71 -5.01
N SER B 97 4.02 10.04 -4.97
CA SER B 97 4.52 10.88 -6.05
C SER B 97 6.02 11.09 -5.88
N ILE B 98 6.60 10.46 -4.87
CA ILE B 98 8.07 10.41 -4.75
C ILE B 98 8.56 9.02 -5.17
N PRO B 99 9.31 8.94 -6.28
CA PRO B 99 9.74 7.62 -6.80
C PRO B 99 10.37 6.69 -5.77
N SER B 100 11.30 7.18 -4.94
CA SER B 100 11.92 6.33 -3.94
C SER B 100 10.91 5.76 -2.90
N PHE B 101 9.88 6.53 -2.55
CA PHE B 101 8.82 6.01 -1.69
C PHE B 101 8.05 4.87 -2.37
N SER B 102 7.67 5.08 -3.64
CA SER B 102 6.84 4.09 -4.32
C SER B 102 7.60 2.81 -4.65
N SER B 103 8.93 2.85 -4.58
N SER B 103 8.93 2.87 -4.59
CA SER B 103 9.75 1.68 -4.81
CA SER B 103 9.75 1.69 -4.81
C SER B 103 9.98 0.89 -3.52
C SER B 103 9.80 0.82 -3.55
N LEU B 104 9.48 1.41 -2.40
CA LEU B 104 9.42 0.62 -1.16
C LEU B 104 8.31 -0.41 -1.28
N PHE B 105 8.45 -1.52 -0.59
CA PHE B 105 7.38 -2.47 -0.57
C PHE B 105 6.19 -1.80 0.14
N LEU B 106 5.00 -2.18 -0.29
CA LEU B 106 3.81 -1.51 0.14
C LEU B 106 3.64 -1.51 1.66
N ASN B 107 4.10 -2.58 2.31
CA ASN B 107 3.99 -2.64 3.77
C ASN B 107 4.82 -1.53 4.44
N ASP B 108 6.01 -1.25 3.94
CA ASP B 108 6.81 -0.16 4.50
C ASP B 108 6.17 1.19 4.18
N GLN B 109 5.53 1.30 3.02
CA GLN B 109 4.80 2.52 2.69
C GLN B 109 3.71 2.81 3.74
N VAL B 110 2.96 1.78 4.10
CA VAL B 110 1.93 1.90 5.13
C VAL B 110 2.52 2.24 6.50
N THR B 111 3.63 1.59 6.86
CA THR B 111 4.28 1.88 8.13
C THR B 111 4.70 3.35 8.21
N LEU B 112 5.26 3.88 7.12
CA LEU B 112 5.69 5.28 7.16
C LEU B 112 4.49 6.23 7.29
N LEU B 113 3.45 5.95 6.54
CA LEU B 113 2.26 6.82 6.60
C LEU B 113 1.60 6.69 7.97
N LYS B 114 1.44 5.46 8.43
CA LYS B 114 0.88 5.23 9.76
C LYS B 114 1.54 6.13 10.82
N TYR B 115 2.87 6.17 10.89
CA TYR B 115 3.53 6.84 11.97
C TYR B 115 3.91 8.26 11.64
N GLY B 116 3.74 8.62 10.36
CA GLY B 116 4.15 9.92 9.86
C GLY B 116 3.03 10.94 9.61
N VAL B 117 1.81 10.49 9.31
CA VAL B 117 0.84 11.49 8.75
C VAL B 117 0.43 12.55 9.75
N HIS B 118 0.27 12.20 11.01
CA HIS B 118 -0.12 13.23 11.97
C HIS B 118 0.97 14.26 12.19
N GLU B 119 2.23 13.83 12.26
CA GLU B 119 3.30 14.80 12.30
C GLU B 119 3.23 15.75 11.10
N ALA B 120 3.00 15.20 9.91
CA ALA B 120 2.92 16.03 8.73
C ALA B 120 1.69 16.94 8.78
N ILE B 121 0.57 16.40 9.20
CA ILE B 121 -0.67 17.16 9.30
C ILE B 121 -0.52 18.37 10.24
N PHE B 122 0.09 18.15 11.39
CA PHE B 122 0.26 19.24 12.34
C PHE B 122 1.31 20.26 11.90
N ALA B 123 2.26 19.86 11.07
CA ALA B 123 3.16 20.83 10.49
C ALA B 123 2.46 21.68 9.40
N MET B 124 1.68 21.03 8.53
CA MET B 124 0.99 21.72 7.44
C MET B 124 -0.12 22.60 8.00
N LEU B 125 -0.68 22.19 9.14
CA LEU B 125 -1.72 22.98 9.81
C LEU B 125 -1.31 24.45 9.97
N ALA B 126 -0.04 24.73 10.26
CA ALA B 126 0.41 26.11 10.46
C ALA B 126 0.12 27.00 9.25
N SER B 127 0.08 26.39 8.07
CA SER B 127 -0.17 27.13 6.84
C SER B 127 -1.56 27.79 6.83
N ILE B 128 -2.53 27.20 7.52
CA ILE B 128 -3.90 27.73 7.49
C ILE B 128 -4.29 28.35 8.83
N VAL B 129 -3.27 28.58 9.66
CA VAL B 129 -3.46 29.14 10.99
C VAL B 129 -2.88 30.54 11.11
N ASN B 130 -3.55 31.38 11.92
CA ASN B 130 -2.89 32.51 12.54
C ASN B 130 -3.24 32.45 14.04
N LYS B 131 -2.77 33.42 14.81
CA LYS B 131 -2.90 33.36 16.25
C LYS B 131 -4.36 33.40 16.67
N ASP B 132 -5.23 33.84 15.77
CA ASP B 132 -6.65 34.03 16.10
C ASP B 132 -7.61 32.89 15.68
N GLY B 133 -7.14 31.96 14.85
CA GLY B 133 -7.92 30.82 14.42
C GLY B 133 -7.39 30.18 13.16
N LEU B 134 -8.26 29.44 12.48
CA LEU B 134 -7.84 28.76 11.26
C LEU B 134 -8.91 28.70 10.19
N LEU B 135 -8.42 28.57 8.96
CA LEU B 135 -9.28 28.39 7.79
C LEU B 135 -9.90 27.00 7.77
N VAL B 136 -11.19 26.99 7.41
CA VAL B 136 -11.93 25.76 7.17
C VAL B 136 -12.75 25.84 5.88
N ALA B 137 -13.30 24.69 5.47
CA ALA B 137 -14.13 24.61 4.26
C ALA B 137 -13.42 25.22 3.05
N ASN B 138 -12.22 24.71 2.75
CA ASN B 138 -11.44 25.16 1.63
C ASN B 138 -11.20 26.68 1.65
N GLY B 139 -10.97 27.25 2.83
CA GLY B 139 -10.77 28.70 2.92
C GLY B 139 -11.99 29.61 2.99
N SER B 140 -13.18 29.03 2.91
N SER B 140 -13.18 29.03 2.92
CA SER B 140 -14.40 29.83 2.88
CA SER B 140 -14.41 29.81 2.88
C SER B 140 -14.84 30.24 4.28
C SER B 140 -14.95 30.12 4.27
N GLY B 141 -14.32 29.55 5.28
CA GLY B 141 -14.66 29.83 6.66
C GLY B 141 -13.40 30.07 7.48
N PHE B 142 -13.59 30.71 8.62
CA PHE B 142 -12.52 30.93 9.58
C PHE B 142 -13.06 30.67 10.97
N VAL B 143 -12.52 29.65 11.63
CA VAL B 143 -12.99 29.29 12.96
C VAL B 143 -12.04 29.88 13.97
N THR B 144 -12.57 30.56 14.97
CA THR B 144 -11.71 31.25 15.92
C THR B 144 -11.15 30.28 16.96
N ARG B 145 -9.91 30.57 17.33
CA ARG B 145 -9.20 29.81 18.34
C ARG B 145 -9.96 29.91 19.67
N GLU B 146 -10.49 31.09 19.96
CA GLU B 146 -11.28 31.30 21.17
C GLU B 146 -12.54 30.40 21.23
N PHE B 147 -13.29 30.30 20.14
CA PHE B 147 -14.40 29.33 20.07
C PHE B 147 -13.92 27.89 20.33
N LEU B 148 -12.78 27.46 19.77
CA LEU B 148 -12.34 26.09 19.96
C LEU B 148 -11.90 25.88 21.42
N ARG B 149 -11.37 26.93 22.05
CA ARG B 149 -11.04 26.87 23.48
C ARG B 149 -12.28 26.69 24.34
N SER B 150 -13.43 27.18 23.84
CA SER B 150 -14.66 27.16 24.61
C SER B 150 -15.33 25.78 24.66
N LEU B 151 -14.81 24.82 23.89
CA LEU B 151 -15.47 23.51 23.83
C LEU B 151 -15.22 22.79 25.13
N ARG B 152 -16.06 21.81 25.43
CA ARG B 152 -15.94 21.16 26.70
C ARG B 152 -14.76 20.24 26.62
N LYS B 153 -14.12 20.05 27.76
CA LYS B 153 -13.07 19.05 27.83
C LYS B 153 -13.76 17.72 27.50
N PRO B 154 -13.05 16.79 26.86
CA PRO B 154 -11.64 16.82 26.49
C PRO B 154 -11.36 17.41 25.10
N PHE B 155 -12.38 17.96 24.47
CA PHE B 155 -12.24 18.35 23.08
C PHE B 155 -11.46 19.65 22.90
N SER B 156 -11.62 20.57 23.85
CA SER B 156 -10.84 21.79 23.83
C SER B 156 -9.35 21.46 23.99
N ASP B 157 -9.04 20.49 24.85
CA ASP B 157 -7.66 20.17 25.23
C ASP B 157 -6.86 19.61 24.06
N ILE B 158 -7.54 18.91 23.17
CA ILE B 158 -6.86 18.28 22.05
C ILE B 158 -6.51 19.32 20.97
N ILE B 159 -7.08 20.51 21.06
CA ILE B 159 -6.90 21.50 20.03
C ILE B 159 -5.81 22.55 20.28
N GLU B 160 -5.78 23.13 21.48
CA GLU B 160 -4.92 24.29 21.71
C GLU B 160 -3.40 24.02 21.51
N PRO B 161 -2.88 22.84 21.90
CA PRO B 161 -1.45 22.55 21.70
C PRO B 161 -0.97 22.66 20.25
N LYS B 162 -1.86 22.38 19.30
CA LYS B 162 -1.56 22.52 17.88
C LYS B 162 -1.41 23.98 17.47
N PHE B 163 -2.26 24.86 18.05
CA PHE B 163 -2.11 26.28 17.81
C PHE B 163 -0.75 26.76 18.32
N GLU B 164 -0.39 26.35 19.53
CA GLU B 164 0.88 26.75 20.11
C GLU B 164 2.05 26.40 19.20
N PHE B 165 2.05 25.16 18.69
CA PHE B 165 3.14 24.70 17.82
C PHE B 165 3.16 25.53 16.55
N ALA B 166 1.97 25.73 15.99
CA ALA B 166 1.80 26.38 14.70
C ALA B 166 2.29 27.81 14.62
N VAL B 167 2.01 28.60 15.67
CA VAL B 167 2.35 30.00 15.71
C VAL B 167 3.89 30.12 15.77
N LYS B 168 4.53 29.29 16.59
CA LYS B 168 5.99 29.23 16.59
C LYS B 168 6.58 28.76 15.25
N PHE B 169 5.99 27.74 14.67
CA PHE B 169 6.44 27.24 13.40
C PHE B 169 6.32 28.31 12.29
N ASN B 170 5.23 29.09 12.31
CA ASN B 170 5.04 30.15 11.33
C ASN B 170 6.08 31.26 11.46
N ALA B 171 6.67 31.42 12.66
CA ALA B 171 7.72 32.40 12.85
C ALA B 171 8.96 32.11 11.97
N LEU B 172 9.11 30.87 11.51
CA LEU B 172 10.26 30.51 10.67
C LEU B 172 10.08 30.95 9.22
N GLU B 173 8.85 31.35 8.89
N GLU B 173 8.86 31.38 8.88
CA GLU B 173 8.50 31.88 7.58
CA GLU B 173 8.53 31.91 7.56
C GLU B 173 8.85 30.98 6.40
C GLU B 173 8.93 30.97 6.42
N LEU B 174 8.53 29.70 6.52
CA LEU B 174 8.67 28.76 5.40
C LEU B 174 7.68 29.10 4.31
N ASP B 175 8.05 28.83 3.06
CA ASP B 175 7.05 28.90 1.98
C ASP B 175 6.71 27.47 1.57
N ASP B 176 5.88 27.31 0.55
CA ASP B 176 5.45 25.98 0.17
C ASP B 176 6.62 25.11 -0.38
N SER B 177 7.59 25.75 -1.05
CA SER B 177 8.73 25.01 -1.61
C SER B 177 9.54 24.40 -0.47
N ASP B 178 9.58 25.08 0.66
CA ASP B 178 10.26 24.59 1.85
C ASP B 178 9.48 23.43 2.46
N LEU B 179 8.17 23.66 2.61
CA LEU B 179 7.29 22.67 3.25
C LEU B 179 7.25 21.37 2.50
N ALA B 180 7.35 21.42 1.17
CA ALA B 180 7.30 20.21 0.39
C ALA B 180 8.43 19.28 0.84
N LEU B 181 9.60 19.86 1.03
CA LEU B 181 10.78 19.06 1.43
C LEU B 181 10.65 18.63 2.88
N PHE B 182 10.13 19.54 3.72
CA PHE B 182 10.02 19.25 5.14
C PHE B 182 9.05 18.10 5.41
N ILE B 183 7.90 18.15 4.75
CA ILE B 183 6.93 17.08 4.90
C ILE B 183 7.44 15.73 4.32
N ALA B 184 8.15 15.79 3.20
CA ALA B 184 8.75 14.56 2.65
C ALA B 184 9.68 13.94 3.69
N ALA B 185 10.44 14.77 4.38
CA ALA B 185 11.38 14.31 5.41
C ALA B 185 10.65 13.70 6.62
N ILE B 186 9.52 14.28 6.97
CA ILE B 186 8.69 13.68 7.99
C ILE B 186 8.20 12.27 7.60
N ILE B 187 7.78 12.09 6.36
CA ILE B 187 7.20 10.80 5.96
C ILE B 187 8.32 9.76 5.81
N LEU B 188 9.39 10.11 5.10
CA LEU B 188 10.53 9.20 4.85
C LEU B 188 11.44 9.22 6.07
N CYS B 189 10.97 8.59 7.13
CA CYS B 189 11.64 8.62 8.43
C CYS B 189 12.01 7.23 8.84
N GLY B 190 13.31 7.01 9.03
CA GLY B 190 13.83 5.69 9.23
C GLY B 190 13.61 5.11 10.60
N ASP B 191 13.12 5.93 11.54
CA ASP B 191 12.88 5.55 12.91
C ASP B 191 11.54 4.86 13.19
N ARG B 192 10.66 4.78 12.20
CA ARG B 192 9.31 4.30 12.51
C ARG B 192 9.35 2.83 12.91
N PRO B 193 8.50 2.45 13.87
CA PRO B 193 8.52 1.08 14.36
C PRO B 193 8.06 0.10 13.32
N GLY B 194 8.75 -1.03 13.25
CA GLY B 194 8.29 -2.16 12.47
C GLY B 194 8.64 -2.02 11.03
N LEU B 195 9.45 -1.03 10.70
CA LEU B 195 9.96 -0.90 9.33
C LEU B 195 10.76 -2.10 8.93
N MET B 196 10.55 -2.53 7.69
CA MET B 196 11.26 -3.67 7.18
C MET B 196 12.62 -3.25 6.65
N ASN B 197 12.67 -2.34 5.68
CA ASN B 197 13.95 -1.93 5.07
C ASN B 197 14.42 -0.58 5.64
N VAL B 198 14.97 -0.63 6.84
CA VAL B 198 15.40 0.60 7.53
C VAL B 198 16.54 1.33 6.78
N PRO B 199 17.58 0.60 6.32
CA PRO B 199 18.65 1.29 5.63
C PRO B 199 18.19 2.04 4.40
N ARG B 200 17.28 1.44 3.63
CA ARG B 200 16.75 2.11 2.44
C ARG B 200 15.98 3.40 2.80
N VAL B 201 15.17 3.33 3.85
CA VAL B 201 14.41 4.51 4.26
C VAL B 201 15.37 5.55 4.84
N GLU B 202 16.38 5.14 5.61
CA GLU B 202 17.34 6.10 6.14
C GLU B 202 18.05 6.81 5.00
N ALA B 203 18.36 6.08 3.94
CA ALA B 203 19.10 6.67 2.84
C ALA B 203 18.26 7.69 2.09
N ILE B 204 16.98 7.38 1.86
CA ILE B 204 16.07 8.34 1.23
C ILE B 204 15.92 9.60 2.12
N GLN B 205 15.70 9.37 3.40
CA GLN B 205 15.58 10.45 4.35
C GLN B 205 16.79 11.36 4.26
N ASP B 206 17.98 10.77 4.24
CA ASP B 206 19.17 11.57 4.17
C ASP B 206 19.22 12.44 2.91
N THR B 207 18.88 11.88 1.76
CA THR B 207 18.86 12.67 0.52
C THR B 207 17.88 13.84 0.62
N ILE B 208 16.70 13.58 1.19
CA ILE B 208 15.73 14.64 1.39
C ILE B 208 16.27 15.73 2.33
N LEU B 209 16.91 15.35 3.44
CA LEU B 209 17.54 16.36 4.33
C LEU B 209 18.66 17.15 3.62
N ARG B 210 19.53 16.49 2.83
CA ARG B 210 20.50 17.24 2.03
C ARG B 210 19.83 18.20 1.06
N ALA B 211 18.74 17.75 0.44
CA ALA B 211 17.96 18.61 -0.46
C ALA B 211 17.42 19.82 0.29
N LEU B 212 16.89 19.56 1.46
CA LEU B 212 16.34 20.61 2.27
C LEU B 212 17.39 21.63 2.65
N GLU B 213 18.57 21.19 3.08
CA GLU B 213 19.57 22.20 3.38
C GLU B 213 20.00 22.99 2.14
N PHE B 214 20.23 22.28 1.03
CA PHE B 214 20.60 22.91 -0.23
C PHE B 214 19.53 23.95 -0.64
N HIS B 215 18.27 23.59 -0.44
CA HIS B 215 17.18 24.48 -0.87
C HIS B 215 17.08 25.71 0.03
N LEU B 216 17.11 25.49 1.34
CA LEU B 216 17.14 26.63 2.27
C LEU B 216 18.32 27.56 2.03
N GLN B 217 19.48 27.03 1.63
CA GLN B 217 20.59 27.93 1.31
C GLN B 217 20.16 28.91 0.21
N ALA B 218 19.44 28.39 -0.77
CA ALA B 218 19.08 29.18 -1.94
C ALA B 218 17.91 30.09 -1.63
N ASN B 219 16.94 29.55 -0.92
CA ASN B 219 15.66 30.22 -0.74
C ASN B 219 15.62 31.16 0.48
N HIS B 220 16.48 30.89 1.47
CA HIS B 220 16.56 31.71 2.67
C HIS B 220 18.02 32.02 2.98
N PRO B 221 18.68 32.73 2.08
CA PRO B 221 20.13 32.92 2.20
C PRO B 221 20.54 33.62 3.49
N ASP B 222 19.66 34.47 4.03
CA ASP B 222 20.01 35.26 5.22
C ASP B 222 19.53 34.63 6.55
N ALA B 223 18.94 33.43 6.50
CA ALA B 223 18.36 32.86 7.72
C ALA B 223 19.32 31.98 8.52
N GLN B 224 19.86 32.58 9.58
CA GLN B 224 20.73 31.86 10.50
C GLN B 224 20.02 30.68 11.14
N TYR B 225 20.67 29.54 11.02
CA TYR B 225 20.36 28.36 11.80
C TYR B 225 19.04 27.71 11.42
N LEU B 226 18.46 28.07 10.26
CA LEU B 226 17.13 27.57 9.87
C LEU B 226 17.11 26.06 9.68
N PHE B 227 18.16 25.46 9.13
CA PHE B 227 18.14 24.00 8.92
C PHE B 227 18.14 23.27 10.28
N PRO B 228 19.13 23.54 11.15
CA PRO B 228 19.04 22.86 12.46
C PRO B 228 17.73 23.22 13.24
N LYS B 229 17.19 24.40 13.03
CA LYS B 229 15.91 24.71 13.66
C LYS B 229 14.83 23.75 13.19
N LEU B 230 14.82 23.43 11.89
CA LEU B 230 13.78 22.55 11.36
C LEU B 230 14.01 21.10 11.80
N LEU B 231 15.28 20.70 12.00
CA LEU B 231 15.51 19.36 12.53
C LEU B 231 14.90 19.26 13.94
N GLN B 232 15.07 20.31 14.73
CA GLN B 232 14.45 20.35 16.05
C GLN B 232 12.90 20.31 15.98
N LYS B 233 12.30 20.99 15.00
CA LYS B 233 10.86 20.94 14.84
C LYS B 233 10.38 19.52 14.51
N MET B 234 11.15 18.76 13.75
CA MET B 234 10.83 17.35 13.49
C MET B 234 10.76 16.59 14.78
N ALA B 235 11.73 16.80 15.68
CA ALA B 235 11.67 16.13 16.99
C ALA B 235 10.48 16.60 17.82
N ASP B 236 10.19 17.90 17.78
CA ASP B 236 9.08 18.47 18.52
C ASP B 236 7.74 17.86 18.09
N LEU B 237 7.61 17.63 16.78
CA LEU B 237 6.37 17.09 16.20
C LEU B 237 6.16 15.67 16.69
N ARG B 238 7.24 14.92 16.95
CA ARG B 238 7.02 13.55 17.44
C ARG B 238 6.38 13.60 18.81
N GLN B 239 6.83 14.55 19.65
CA GLN B 239 6.28 14.71 20.99
C GLN B 239 4.84 15.22 20.92
N LEU B 240 4.58 16.10 19.98
CA LEU B 240 3.21 16.63 19.81
C LEU B 240 2.23 15.49 19.48
N VAL B 241 2.66 14.61 18.60
CA VAL B 241 1.82 13.50 18.20
C VAL B 241 1.70 12.44 19.30
N THR B 242 2.76 12.17 20.06
CA THR B 242 2.64 11.30 21.22
C THR B 242 1.54 11.75 22.16
N GLU B 243 1.56 13.05 22.45
CA GLU B 243 0.63 13.64 23.36
C GLU B 243 -0.75 13.58 22.73
N HIS B 244 -0.78 13.73 21.41
CA HIS B 244 -2.05 13.72 20.71
C HIS B 244 -2.68 12.33 20.80
N ALA B 245 -1.89 11.30 20.52
CA ALA B 245 -2.35 9.92 20.57
C ALA B 245 -2.87 9.58 21.95
N GLN B 246 -2.17 10.07 22.99
CA GLN B 246 -2.62 9.80 24.36
C GLN B 246 -3.99 10.45 24.62
N MET B 247 -4.17 11.69 24.15
CA MET B 247 -5.46 12.36 24.30
C MET B 247 -6.54 11.59 23.57
N MET B 248 -6.23 11.06 22.39
CA MET B 248 -7.21 10.29 21.65
C MET B 248 -7.55 8.98 22.36
N GLN B 249 -6.59 8.35 23.06
CA GLN B 249 -6.91 7.13 23.81
C GLN B 249 -7.89 7.46 24.93
N ARG B 250 -7.67 8.61 25.55
CA ARG B 250 -8.52 9.02 26.61
C ARG B 250 -9.93 9.31 26.08
N ILE B 251 -10.04 9.86 24.88
CA ILE B 251 -11.36 10.14 24.30
C ILE B 251 -12.08 8.81 24.08
N LYS B 252 -11.34 7.83 23.57
CA LYS B 252 -11.85 6.50 23.25
C LYS B 252 -12.41 5.82 24.49
N LYS B 253 -11.73 6.00 25.61
CA LYS B 253 -12.12 5.36 26.86
C LYS B 253 -13.31 6.04 27.53
N THR B 254 -13.37 7.38 27.51
CA THR B 254 -14.32 8.13 28.31
C THR B 254 -15.49 8.71 27.48
N GLU B 255 -15.25 8.99 26.20
CA GLU B 255 -16.31 9.53 25.34
C GLU B 255 -16.88 8.41 24.46
N THR B 256 -17.48 7.44 25.11
CA THR B 256 -17.89 6.21 24.45
C THR B 256 -18.92 6.45 23.34
N GLU B 257 -19.70 7.52 23.45
CA GLU B 257 -20.66 7.92 22.41
C GLU B 257 -20.05 8.54 21.14
N THR B 258 -18.80 8.96 21.20
CA THR B 258 -18.19 9.64 20.08
C THR B 258 -17.60 8.64 19.08
N SER B 259 -17.85 8.82 17.78
N SER B 259 -17.98 8.80 17.81
CA SER B 259 -17.36 7.88 16.77
CA SER B 259 -17.52 7.93 16.75
C SER B 259 -15.98 8.24 16.19
C SER B 259 -16.06 8.26 16.44
N LEU B 260 -14.97 7.39 16.39
N LEU B 260 -15.30 7.22 16.06
CA LEU B 260 -13.68 7.59 15.72
CA LEU B 260 -13.87 7.38 15.76
C LEU B 260 -13.66 6.80 14.42
C LEU B 260 -13.61 6.71 14.41
N HIS B 261 -13.19 7.48 13.40
CA HIS B 261 -13.03 6.93 12.06
C HIS B 261 -12.12 5.69 12.01
N PRO B 262 -12.53 4.65 11.27
CA PRO B 262 -11.80 3.37 11.36
C PRO B 262 -10.31 3.46 10.92
N LEU B 263 -10.01 4.31 9.94
CA LEU B 263 -8.65 4.52 9.52
C LEU B 263 -7.82 5.11 10.65
N LEU B 264 -8.37 6.11 11.34
CA LEU B 264 -7.65 6.69 12.48
C LEU B 264 -7.46 5.64 13.58
N GLN B 265 -8.49 4.79 13.79
N GLN B 265 -8.43 4.75 13.80
CA GLN B 265 -8.41 3.66 14.73
CA GLN B 265 -8.22 3.74 14.84
C GLN B 265 -7.21 2.76 14.39
C GLN B 265 -7.15 2.72 14.40
N GLU B 266 -7.07 2.44 13.11
CA GLU B 266 -5.96 1.63 12.62
C GLU B 266 -4.65 2.36 12.91
N ILE B 267 -4.66 3.69 12.77
CA ILE B 267 -3.44 4.47 12.97
C ILE B 267 -3.02 4.41 14.43
N TYR B 268 -3.98 4.48 15.38
CA TYR B 268 -3.64 4.62 16.81
C TYR B 268 -3.36 3.36 17.65
N LYS B 269 -3.78 2.17 17.24
CA LYS B 269 -3.72 1.01 18.15
C LYS B 269 -2.32 0.62 18.71
N ASP B 270 -1.26 0.89 17.96
CA ASP B 270 0.09 0.48 18.39
C ASP B 270 0.99 1.63 18.89
N MET B 271 0.37 2.70 19.36
CA MET B 271 1.10 3.83 19.96
C MET B 271 0.86 3.81 21.47
N TYR B 272 1.82 4.34 22.25
CA TYR B 272 1.66 4.38 23.70
C TYR B 272 2.34 5.61 24.33
C4 7UY C . 7.47 -23.89 -7.16
C4 7UY C . 7.37 -24.01 -7.35
C5 7UY C . 7.98 -23.15 -6.08
C5 7UY C . 7.88 -23.30 -6.26
C6 7UY C . 8.70 -21.84 -6.25
C6 7UY C . 8.60 -21.99 -6.45
C7 7UY C . 8.16 -23.41 -2.40
C7 7UY C . 8.12 -23.55 -2.58
C8 7UY C . 9.05 -22.59 -1.50
C8 7UY C . 8.88 -22.67 -1.61
C10 7UY C . 9.45 -20.37 -0.51
C10 7UY C . 8.81 -20.62 -0.23
C13 7UY C . 7.16 -20.39 -7.60
C13 7UY C . 7.11 -20.46 -7.71
C15 7UY C . 10.59 -21.82 -8.62
C15 7UY C . 10.42 -22.01 -8.81
C17 7UY C . 11.69 -21.03 -8.95
C17 7UY C . 11.51 -21.17 -8.99
C20 7UY C . 12.00 -23.76 -8.69
C20 7UY C . 11.90 -23.90 -8.68
C21 7UY C . 14.45 -23.57 -9.23
C21 7UY C . 14.35 -23.64 -8.88
C22 7UY C . 15.58 -22.85 -9.71
C22 7UY C . 15.47 -22.97 -9.43
C24 7UY C . 16.71 -23.64 -9.89
C24 7UY C . 16.63 -23.74 -9.37
C26 7UY C . 6.03 -20.87 -6.70
C26 7UY C . 6.00 -20.87 -6.76
O3 7UY C . 9.03 -20.34 -9.47
O3 7UY C . 8.62 -21.03 -9.90
C14 7UY C . 9.28 -21.09 -8.52
C14 7UY C . 9.03 -21.44 -8.82
C18 7UY C . 12.95 -21.58 -9.12
C18 7UY C . 12.80 -21.68 -9.01
C19 7UY C . 13.12 -22.96 -8.99
C19 7UY C . 12.99 -23.05 -8.85
C23 7UY C . 14.72 -24.94 -9.11
C23 7UY C . 14.63 -24.91 -8.45
S 7UY C . 16.36 -25.27 -9.50
S 7UY C . 16.30 -25.27 -8.66
C16 7UY C . 10.73 -23.19 -8.51
C16 7UY C . 10.61 -23.38 -8.66
N 7UY C . 8.44 -21.16 -7.49
N 7UY C . 8.31 -21.34 -7.72
C25 7UY C . 7.44 -18.92 -7.28
C25 7UY C . 7.55 -19.02 -7.38
C3 7UY C . 6.78 -25.07 -6.93
C3 7UY C . 6.70 -25.21 -7.14
C2 7UY C . 6.61 -25.55 -5.66
C2 7UY C . 6.53 -25.69 -5.86
C1 7UY C . 7.10 -24.83 -4.59
C1 7UY C . 7.04 -24.99 -4.78
C 7UY C . 7.79 -23.63 -4.79
C 7UY C . 7.71 -23.78 -4.98
O 7UY C . 8.29 -22.92 -3.74
O 7UY C . 8.23 -23.07 -3.92
C9 7UY C . 8.55 -21.16 -1.44
C9 7UY C . 8.23 -21.30 -1.46
C11 7UY C . 9.04 -18.92 -0.48
C11 7UY C . 8.66 -19.12 -0.30
C12 7UY C . 7.85 -18.75 0.43
C12 7UY C . 7.31 -18.62 0.18
O1 7UY C . 6.75 -18.83 -0.13
O1 7UY C . 7.05 -17.43 0.00
O2 7UY C . 8.00 -18.53 1.68
O2 7UY C . 6.50 -19.38 0.76
H3 7UY C . 7.59 -23.52 -8.16
H3 7UY C . 7.50 -23.62 -8.35
H5 7UY C . 8.41 -21.18 -5.42
H5 7UY C . 8.34 -21.31 -5.63
H4 7UY C . 9.77 -22.01 -6.15
H4 7UY C . 9.67 -22.16 -6.38
H6 7UY C . 8.45 -24.46 -2.36
H6 7UY C . 8.49 -24.57 -2.52
H7 7UY C . 7.12 -23.33 -2.08
H7 7UY C . 7.06 -23.57 -2.29
H8 7UY C . 9.06 -23.02 -0.50
H8 7UY C . 8.94 -23.15 -0.65
H9 7UY C . 10.07 -22.60 -1.88
H9 7UY C . 9.91 -22.54 -1.98
H13 7UY C . 9.40 -20.79 0.50
H13 7UY C . 9.86 -20.88 -0.14
H12 7UY C . 10.49 -20.45 -0.86
H12 7UY C . 8.30 -20.99 0.66
H16 7UY C . 6.81 -20.44 -8.63
H16 7UY C . 6.69 -20.44 -8.73
H18 7UY C . 11.56 -19.96 -9.06
H18 7UY C . 11.35 -20.11 -9.11
H20 7UY C . 12.13 -24.84 -8.60
H20 7UY C . 12.05 -24.97 -8.57
H21 7UY C . 15.55 -21.78 -9.89
H21 7UY C . 15.44 -21.96 -9.83
H23 7UY C . 17.73 -23.44 -10.22
H23 7UY C . 17.67 -23.57 -9.67
H28 7UY C . 6.33 -20.81 -5.70
H28 7UY C . 5.20 -20.18 -6.83
H27 7UY C . 5.18 -20.25 -6.86
H27 7UY C . 5.66 -21.83 -7.01
H29 7UY C . 5.79 -21.87 -6.94
H29 7UY C . 6.37 -20.88 -5.76
H19 7UY C . 13.80 -20.96 -9.37
H19 7UY C . 13.65 -21.03 -9.15
H22 7UY C . 14.13 -25.78 -8.78
H22 7UY C . 14.03 -25.70 -7.99
H17 7UY C . 9.88 -23.81 -8.28
H17 7UY C . 9.76 -24.04 -8.53
H26 7UY C . 7.83 -18.84 -6.30
H26 7UY C . 8.24 -18.69 -8.10
H25 7UY C . 8.15 -18.53 -7.97
H25 7UY C . 6.70 -18.40 -7.38
H24 7UY C . 6.54 -18.37 -7.34
H24 7UY C . 8.01 -19.01 -6.42
H2 7UY C . 6.40 -25.63 -7.77
H2 7UY C . 6.30 -25.76 -7.99
H1 7UY C . 6.09 -26.48 -5.49
H1 7UY C . 6.01 -26.63 -5.70
H 7UY C . 6.97 -25.21 -3.58
H 7UY C . 6.91 -25.37 -3.78
H11 7UY C . 7.52 -21.14 -1.06
H11 7UY C . 8.42 -20.69 -2.35
H10 7UY C . 8.56 -20.72 -2.44
H10 7UY C . 7.15 -21.42 -1.35
H14 7UY C . 8.77 -18.59 -1.49
H14 7UY C . 9.44 -18.65 0.31
H15 7UY C . 9.86 -18.31 -0.12
H15 7UY C . 8.82 -18.79 -1.33
C5 B7G D . 2.07 -4.27 7.98
O5 B7G D . 2.75 -5.16 7.04
C1 B7G D . 2.41 -6.57 7.22
C2 B7G D . 2.71 -7.02 8.64
C3 B7G D . 1.95 -6.16 9.60
C4 B7G D . 2.27 -4.71 9.42
C6 B7G D . 2.63 -2.89 7.79
O1 B7G D . 3.07 -7.41 6.30
C7 B7G D . 2.98 -7.11 4.89
C8 B7G D . 2.89 -8.39 4.06
C9 B7G D . 3.45 -8.24 2.64
C10 B7G D . 2.87 -7.08 1.81
C11 B7G D . 2.94 -7.52 0.32
C12 B7G D . 2.68 -6.35 -0.66
O2 B7G D . 2.29 -8.40 8.71
O3 B7G D . 2.17 -6.53 10.99
O4 B7G D . 1.39 -3.94 10.24
O6 B7G D . 2.02 -2.36 6.63
C13 B7G D . 4.00 -5.68 -1.10
H5 B7G D . 1.11 -4.25 7.77
H1 B7G D . 1.45 -6.67 7.08
H2 B7G D . 3.67 -6.96 8.83
H3 B7G D . 1.00 -6.28 9.41
H4 B7G D . 3.19 -4.56 9.69
H61 B7G D . 2.42 -2.33 8.56
H62 B7G D . 3.61 -2.94 7.66
H71 B7G D . 2.21 -6.55 4.72
H72 B7G D . 3.80 -6.61 4.62
H81 B7G D . 3.40 -9.08 4.51
H82 B7G D . 1.94 -8.66 4.00
H91 B7G D . 3.30 -9.07 2.15
H92 B7G D . 4.43 -8.11 2.71
H101 B7G D . 3.39 -6.27 1.94
H102 B7G D . 1.94 -6.92 2.06
H111 B7G D . 3.83 -7.90 0.12
H112 B7G D . 2.27 -8.21 0.16
H121 B7G D . 2.12 -5.69 -0.22
H122 B7G D . 2.22 -6.70 -1.45
HO2 B7G D . 2.89 -8.91 8.28
HO3 B7G D . 1.64 -7.21 11.22
HO4 B7G D . 1.88 -3.48 10.84
HO6 B7G D . 2.63 -1.91 6.15
H131 B7G D . 4.50 -5.37 -0.30
H132 B7G D . 3.81 -4.91 -1.68
H133 B7G D . 4.55 -6.32 -1.59
C1 PGO E . 5.25 -19.01 -10.84
C1 PGO E . 6.69 -17.44 -11.49
C2 PGO E . 4.13 -18.14 -11.39
C2 PGO E . 5.25 -17.90 -11.51
C3 PGO E . 4.70 -17.02 -12.25
C3 PGO E . 4.37 -16.77 -12.02
O1 PGO E . 6.48 -18.32 -10.92
O1 PGO E . 6.94 -16.62 -12.61
O2 PGO E . 3.47 -17.62 -10.28
O2 PGO E . 4.83 -18.31 -10.21
H11 PGO E . 5.05 -19.23 -9.90
H11 PGO E . 7.28 -18.22 -11.51
H12 PGO E . 5.29 -19.84 -11.35
H12 PGO E . 6.85 -16.92 -10.67
H2 PGO E . 3.52 -18.68 -11.92
H2 PGO E . 5.16 -18.67 -12.11
H31 PGO E . 5.20 -16.39 -11.68
H31 PGO E . 4.60 -15.94 -11.56
H32 PGO E . 3.97 -16.53 -12.68
H32 PGO E . 4.52 -16.65 -12.97
H33 PGO E . 5.30 -17.39 -12.93
H33 PGO E . 3.43 -16.98 -11.86
HO1 PGO E . 7.14 -18.91 -10.95
HO1 PGO E . 7.83 -16.56 -12.73
HO2 PGO E . 3.40 -16.73 -10.36
HO2 PGO E . 4.45 -19.10 -10.26
C1 PGO F . 10.08 -28.38 -21.40
C1 PGO F . 10.74 -28.38 -21.38
C2 PGO F . 11.25 -28.49 -22.33
C2 PGO F . 9.83 -28.62 -22.55
C3 PGO F . 10.81 -28.05 -23.71
C3 PGO F . 9.17 -29.98 -22.42
O1 PGO F . 9.58 -29.67 -21.08
O1 PGO F . 11.96 -29.08 -21.49
O2 PGO F . 11.71 -29.82 -22.38
O2 PGO F . 10.54 -28.53 -23.76
H11 PGO F . 10.36 -27.94 -20.58
H11 PGO F . 10.28 -28.66 -20.56
H12 PGO F . 9.37 -27.85 -21.82
H12 PGO F . 10.93 -27.42 -21.31
H2 PGO F . 11.97 -27.91 -22.03
H2 PGO F . 9.14 -27.93 -22.56
H31 PGO F . 10.02 -28.55 -23.97
H31 PGO F . 9.76 -30.58 -21.94
H32 PGO F . 10.60 -27.09 -23.70
H32 PGO F . 8.99 -30.34 -23.31
H33 PGO F . 11.53 -28.22 -24.35
H33 PGO F . 8.33 -29.88 -21.94
HO1 PGO F . 8.73 -29.59 -20.82
HO1 PGO F . 12.63 -28.54 -21.27
HO2 PGO F . 12.07 -30.04 -21.60
HO2 PGO F . 10.09 -28.05 -24.34
C1 PGO G . -21.21 -28.21 -9.50
C2 PGO G . -19.93 -28.70 -10.15
C3 PGO G . -19.87 -30.21 -10.08
O1 PGO G . -22.29 -29.00 -9.92
O2 PGO G . -18.82 -28.13 -9.47
H11 PGO G . -21.36 -27.28 -9.76
H12 PGO G . -21.13 -28.25 -8.53
H2 PGO G . -19.91 -28.42 -11.07
H31 PGO G . -20.45 -30.59 -10.79
H32 PGO G . -18.96 -30.52 -10.22
H33 PGO G . -20.19 -30.51 -9.21
HO1 PGO G . -22.99 -28.86 -9.39
HO2 PGO G . -18.37 -27.60 -10.04
C1 PEG H . 24.78 -24.69 -6.93
O1 PEG H . 25.25 -26.01 -7.18
C2 PEG H . 25.97 -23.72 -6.87
O2 PEG H . 25.57 -22.48 -6.31
C3 PEG H . 26.66 -21.59 -5.94
C4 PEG H . 26.14 -20.54 -5.07
O4 PEG H . 27.12 -19.57 -4.85
H11 PEG H . 24.30 -24.67 -6.09
H12 PEG H . 24.18 -24.41 -7.66
HO1 PEG H . 24.56 -26.55 -7.30
H21 PEG H . 26.67 -24.11 -6.32
H22 PEG H . 26.32 -23.57 -7.77
H31 PEG H . 27.34 -22.09 -5.46
H32 PEG H . 27.05 -21.20 -6.74
H41 PEG H . 25.88 -20.92 -4.22
H42 PEG H . 25.38 -20.13 -5.48
HO4 PEG H . 26.83 -18.99 -4.33
C1 PGO I . 29.71 -20.11 -7.78
C2 PGO I . 28.92 -19.73 -9.03
C3 PGO I . 28.09 -20.88 -9.53
O1 PGO I . 29.12 -19.58 -6.61
O2 PGO I . 29.83 -19.36 -10.04
H11 PGO I . 30.63 -19.76 -7.86
H12 PGO I . 29.75 -21.08 -7.72
H2 PGO I . 28.34 -18.97 -8.82
H31 PGO I . 27.39 -21.08 -8.89
H32 PGO I . 28.66 -21.66 -9.65
H33 PGO I . 27.69 -20.64 -10.39
HO1 PGO I . 29.63 -19.78 -5.91
HO2 PGO I . 29.41 -18.82 -10.63
C1 PEG J . 9.65 -17.02 6.17
O1 PEG J . 10.02 -16.12 5.13
C2 PEG J . 9.91 -16.32 7.51
O2 PEG J . 8.97 -16.73 8.50
C3 PEG J . 8.90 -15.87 9.67
C4 PEG J . 7.63 -16.16 10.34
O4 PEG J . 7.04 -14.99 10.84
H11 PEG J . 8.69 -17.24 6.09
H12 PEG J . 10.18 -17.83 6.11
HO1 PEG J . 10.59 -16.51 4.59
H21 PEG J . 9.84 -15.36 7.39
H22 PEG J . 10.80 -16.55 7.82
H31 PEG J . 9.65 -16.06 10.27
H32 PEG J . 8.92 -14.93 9.40
H41 PEG J . 7.79 -16.77 11.08
H42 PEG J . 7.03 -16.58 9.72
HO4 PEG J . 6.35 -15.18 11.27
C4 7UY K . -6.96 21.65 13.94
C4 7UY K . -6.97 21.68 13.98
C5 7UY K . -7.51 20.37 14.06
C5 7UY K . -7.51 20.39 14.09
C6 7UY K . -8.21 19.70 12.90
C6 7UY K . -8.22 19.74 12.94
C7 7UY K . -7.79 17.63 16.51
C7 7UY K . -7.79 17.62 16.50
C8 7UY K . -8.67 16.39 16.43
C8 7UY K . -8.64 16.37 16.40
C10 7UY K . -9.03 14.18 15.37
C10 7UY K . -8.75 14.07 15.56
C13 7UY K . -6.60 19.71 11.03
C13 7UY K . -6.55 19.92 11.09
C15 7UY K . -9.92 21.61 11.34
C15 7UY K . -10.01 21.52 11.28
C17 7UY K . -10.96 21.34 10.45
C17 7UY K . -11.07 21.28 10.41
C20 7UY K . -11.47 22.71 12.81
C20 7UY K . -11.50 22.72 12.75
C21 7UY K . -13.91 22.88 12.25
C21 7UY K . -13.94 22.96 12.18
C22 7UY K . -14.95 22.90 11.29
C22 7UY K . -14.97 23.01 11.21
C24 7UY K . -16.16 23.37 11.78
C24 7UY K . -16.15 23.58 11.67
C26 7UY K . -5.44 19.51 12.01
C26 7UY K . -5.43 19.58 12.07
O3 7UY K . -8.09 21.66 9.91
O3 7UY K . -8.33 21.32 9.71
C14 7UY K . -8.54 21.17 10.94
C14 7UY K . -8.65 21.03 10.87
C18 7UY K . -12.26 21.74 10.75
C18 7UY K . -12.35 21.73 10.71
C19 7UY K . -12.52 22.43 11.93
C19 7UY K . -12.57 22.44 11.89
C23 7UY K . -14.33 23.36 13.49
C23 7UY K . -14.31 23.53 13.40
S 7UY K . -16.00 23.78 13.43
S 7UY K . -15.96 24.05 13.31
C16 7UY K . -10.17 22.29 12.51
C16 7UY K . -10.22 22.24 12.45
N 7UY K . -7.84 20.26 11.63
N 7UY K . -7.87 20.30 11.64
C25 7UY K . -6.90 18.40 10.30
C25 7UY K . -6.78 18.73 10.14
C3 7UY K . -6.30 22.23 15.01
C3 7UY K . -6.31 22.23 15.08
C2 7UY K . -6.19 21.54 16.21
C2 7UY K . -6.19 21.52 16.26
C1 7UY K . -6.72 20.26 16.33
C1 7UY K . -6.70 20.24 16.35
C 7UY K . -7.38 19.68 15.25
C 7UY K . -7.38 19.68 15.26
O 7UY K . -7.94 18.42 15.34
O 7UY K . -7.94 18.43 15.32
C9 7UY K . -8.18 15.44 15.35
C9 7UY K . -8.10 15.43 15.35
C11 7UY K . -8.65 13.21 14.26
C11 7UY K . -8.57 13.18 14.34
C12 7UY K . -7.60 12.25 14.76
C12 7UY K . -7.13 12.77 14.17
O1 7UY K . -6.43 12.54 14.48
O1 7UY K . -6.73 12.56 13.02
O2 7UY K . -7.92 11.23 15.41
O2 7UY K . -6.40 12.66 15.18
H3 7UY K . -7.05 22.19 13.00
H3 7UY K . -7.07 22.24 13.06
H5 7UY K . -9.29 19.80 13.04
H5 7UY K . -7.99 18.67 12.93
H4 7UY K . -7.97 18.63 12.91
H4 7UY K . -9.30 19.84 13.09
H6 7UY K . -6.74 17.33 16.63
H6 7UY K . -6.74 17.34 16.62
H7 7UY K . -8.07 18.21 17.40
H7 7UY K . -8.09 18.21 17.38
H8 7UY K . -9.69 16.69 16.21
H8 7UY K . -8.67 15.87 17.37
H9 7UY K . -8.68 15.87 17.39
H9 7UY K . -9.67 16.66 16.14
H13 7UY K . -10.08 14.46 15.27
H13 7UY K . -9.82 14.21 15.75
H12 7UY K . -8.90 13.68 16.33
H12 7UY K . -8.32 13.58 16.43
H16 7UY K . -6.24 20.43 10.28
H16 7UY K . -6.20 20.76 10.47
H18 7UY K . -10.76 20.81 9.53
H18 7UY K . -10.89 20.71 9.50
H20 7UY K . -11.66 23.25 13.74
H20 7UY K . -11.67 23.27 13.66
H21 7UY K . -14.81 22.58 10.26
H21 7UY K . -14.84 22.64 10.20
H23 7UY K . -17.15 23.51 11.34
H23 7UY K . -17.13 23.75 11.23
H28 7UY K . -5.74 18.84 12.78
H28 7UY K . -4.56 19.33 11.53
H27 7UY K . -5.18 20.44 12.45
H27 7UY K . -5.73 18.75 12.66
H29 7UY K . -4.61 19.12 11.50
H29 7UY K . -5.25 20.42 12.69
H19 7UY K . -13.06 21.53 10.07
H19 7UY K . -13.18 21.53 10.02
H22 7UY K . -13.83 23.49 14.45
H22 7UY K . -13.82 23.67 14.36
H17 7UY K . -9.35 22.52 13.19
H17 7UY K . -9.39 22.44 13.12
H26 7UY K . -7.29 17.70 10.98
H26 7UY K . -7.43 19.01 9.37
H25 7UY K . -6.00 18.02 9.88
H25 7UY K . -7.18 17.92 10.68
H24 7UY K . -7.59 18.58 9.52
H24 7UY K . -5.84 18.44 9.73
H2 7UY K . -5.88 23.22 14.92
H2 7UY K . -5.88 23.23 15.01
H1 7UY K . -5.67 21.99 17.05
H1 7UY K . -5.67 21.95 17.10
H 7UY K . -6.63 19.72 17.28
H 7UY K . -6.62 19.67 17.28
H11 7UY K . -7.12 15.18 15.54
H11 7UY K . -8.32 15.80 14.36
H10 7UY K . -8.24 15.91 14.37
H10 7UY K . -7.02 15.33 15.45
H14 7UY K . -8.26 13.77 13.41
H14 7UY K . -9.19 12.30 14.45
H15 7UY K . -9.53 12.66 13.93
H15 7UY K . -8.91 13.71 13.44
C5 B7G L . -1.73 -2.57 8.69
O5 B7G L . -2.49 -1.31 8.78
C1 B7G L . -2.17 -0.53 9.97
C2 B7G L . -2.51 -1.37 11.19
C3 B7G L . -1.77 -2.67 11.17
C4 B7G L . -1.99 -3.43 9.91
C6 B7G L . -2.20 -3.29 7.47
O1 B7G L . -2.88 0.67 9.90
C7 B7G L . -2.31 1.74 9.10
C8 B7G L . -3.36 2.89 8.99
C9 B7G L . -2.81 4.15 8.30
C10 B7G L . -2.78 3.96 6.77
C11 B7G L . -2.45 5.34 6.15
C12 B7G L . -2.31 5.20 4.62
O2 B7G L . -2.19 -0.62 12.35
O3 B7G L . -2.20 -3.56 12.24
O4 B7G L . -1.15 -4.60 9.87
O6 B7G L . -1.58 -2.68 6.38
C13 B7G L . -3.67 5.04 3.91
H5 B7G L . -0.77 -2.37 8.62
H1 B7G L . -1.22 -0.33 9.97
H2 B7G L . -3.47 -1.56 11.18
H3 B7G L . -0.82 -2.49 11.26
H4 B7G L . -2.94 -3.73 9.89
H61 B7G L . -1.95 -4.22 7.52
H62 B7G L . -3.18 -3.20 7.38
H71 B7G L . -1.50 2.08 9.53
H72 B7G L . -2.10 1.40 8.20
H81 B7G L . -4.13 2.56 8.49
H82 B7G L . -3.64 3.13 9.89
H91 B7G L . -3.38 4.90 8.51
H92 B7G L . -1.90 4.33 8.62
H101 B7G L . -3.66 3.66 6.45
H102 B7G L . -2.09 3.30 6.52
H111 B7G L . -1.60 5.68 6.53
H112 B7G L . -3.17 5.95 6.35
H121 B7G L . -1.87 6.01 4.28
H122 B7G L . -1.75 4.43 4.41
HO2 B7G L . -2.73 0.10 12.41
HO3 B7G L . -1.51 -4.05 12.52
HO4 B7G L . -1.60 -5.30 10.20
HO6 B7G L . -2.14 -2.64 5.70
H131 B7G L . -3.52 4.92 2.94
H132 B7G L . -4.13 4.27 4.28
H133 B7G L . -4.21 5.84 4.06
C1 PGE M . -29.64 34.23 8.95
O1 PGE M . -28.92 35.43 9.03
C2 PGE M . -30.99 34.42 9.62
O2 PGE M . -31.37 33.23 10.33
C3 PGE M . -30.58 32.94 11.52
C4 PGE M . -31.49 32.55 12.66
O4 PGE M . -29.45 30.64 16.47
C6 PGE M . -30.61 30.50 15.65
C5 PGE M . -30.92 31.80 14.85
O3 PGE M . -30.89 31.55 13.48
H1 PGE M . -29.16 33.54 9.41
H12 PGE M . -29.77 33.98 8.03
HO1 PGE M . -28.05 35.26 8.91
H2 PGE M . -30.94 35.17 10.23
H22 PGE M . -31.66 34.63 8.93
H3 PGE M . -30.08 33.73 11.77
H32 PGE M . -29.97 32.22 11.33
H4 PGE M . -31.68 33.34 13.21
H42 PGE M . -32.35 32.20 12.28
HO4 PGE M . -29.45 30.04 17.10
H6 PGE M . -30.47 29.75 15.02
H62 PGE M . -31.39 30.29 16.23
H5 PGE M . -31.82 32.14 15.10
H52 PGE M . -30.25 32.47 15.06
C1 PGO N . -3.50 20.43 6.56
C1 PGO N . -5.17 20.29 7.69
C2 PGO N . -4.28 21.33 5.60
C2 PGO N . -3.89 21.01 7.37
C3 PGO N . -5.77 21.07 5.75
C3 PGO N . -3.89 21.59 5.97
O1 PGO N . -4.03 20.57 7.87
O1 PGO N . -6.30 21.02 7.33
O2 PGO N . -3.89 21.11 4.26
O2 PGO N . -2.86 20.06 7.49
H11 PGO N . -3.59 19.50 6.27
H11 PGO N . -5.17 19.44 7.23
H12 PGO N . -2.57 20.70 6.56
H12 PGO N . -5.20 20.12 8.65
H2 PGO N . -4.11 22.26 5.83
H2 PGO N . -3.75 21.73 8.02
H31 PGO N . -5.92 20.12 5.88
H31 PGO N . -4.35 20.98 5.36
H32 PGO N . -6.11 21.57 6.51
H32 PGO N . -4.36 22.45 5.98
H33 PGO N . -6.23 21.37 4.94
H33 PGO N . -2.97 21.72 5.67
HO1 PGO N . -3.54 20.09 8.44
HO1 PGO N . -6.95 20.89 7.93
HO2 PGO N . -4.36 21.66 3.73
HO2 PGO N . -2.56 20.04 8.32
C1 PEG O . 14.14 12.86 17.35
O1 PEG O . 14.45 11.73 18.14
C2 PEG O . 14.82 12.71 15.99
O2 PEG O . 14.52 13.76 15.07
C3 PEG O . 15.46 13.76 13.96
C4 PEG O . 15.18 14.76 12.95
O4 PEG O . 15.80 14.33 11.75
H11 PEG O . 13.17 12.91 17.22
H12 PEG O . 14.46 13.68 17.79
HO1 PEG O . 13.98 11.74 18.88
H21 PEG O . 15.78 12.69 16.12
H22 PEG O . 14.54 11.86 15.58
H31 PEG O . 16.36 13.90 14.31
H32 PEG O . 15.44 12.87 13.54
H41 PEG O . 15.55 15.62 13.22
H42 PEG O . 14.24 14.84 12.81
HO4 PEG O . 15.96 14.99 11.26
C1 PEG P . 14.20 35.32 8.60
O1 PEG P . 12.96 35.81 8.13
C2 PEG P . 15.34 36.26 8.18
O2 PEG P . 16.15 35.60 7.22
C3 PEG P . 15.93 35.97 5.82
C4 PEG P . 16.18 34.82 4.96
O4 PEG P . 16.99 35.12 3.85
H11 PEG P . 14.36 34.43 8.23
H12 PEG P . 14.17 35.26 9.59
HO1 PEG P . 12.37 35.80 8.78
H21 PEG P . 14.96 37.06 7.79
H22 PEG P . 15.87 36.49 8.95
H31 PEG P . 16.53 36.69 5.58
H32 PEG P . 15.01 36.26 5.71
H41 PEG P . 15.33 34.47 4.65
H42 PEG P . 16.63 34.14 5.49
HO4 PEG P . 16.84 34.57 3.25
C1 PEG Q . 5.69 14.87 -9.52
O1 PEG Q . 6.25 16.16 -9.64
C2 PEG Q . 4.15 14.92 -9.47
O2 PEG Q . 3.60 13.76 -10.07
C3 PEG Q . 4.07 12.50 -9.51
C4 PEG Q . 4.93 11.78 -10.45
O4 PEG Q . 6.03 11.23 -9.77
H11 PEG Q . 5.96 14.32 -10.28
H12 PEG Q . 6.02 14.46 -8.68
HO1 PEG Q . 7.12 16.08 -9.81
H21 PEG Q . 3.84 15.70 -9.96
H22 PEG Q . 3.85 14.98 -8.54
H31 PEG Q . 3.29 11.94 -9.30
H32 PEG Q . 4.57 12.67 -8.69
H41 PEG Q . 4.41 11.06 -10.87
H42 PEG Q . 5.24 12.39 -11.12
HO4 PEG Q . 6.39 10.63 -10.25
C1 PGO R . -8.20 36.19 9.58
C2 PGO R . -9.64 36.51 9.24
C3 PGO R . -10.04 35.80 7.98
O1 PGO R . -7.81 36.78 10.81
O2 PGO R . -9.76 37.90 9.04
H11 PGO R . -7.63 36.52 8.87
H12 PGO R . -8.09 35.22 9.64
H2 PGO R . -10.23 36.23 9.98
H31 PGO R . -10.37 34.91 8.19
H32 PGO R . -10.73 36.31 7.52
H33 PGO R . -9.26 35.72 7.39
HO1 PGO R . -6.98 37.10 10.74
HO2 PGO R . -10.56 38.17 9.33
C1 PGO S . -9.01 27.84 -1.69
C2 PGO S . -7.68 27.44 -2.28
C3 PGO S . -7.29 28.47 -3.32
O1 PGO S . -10.03 27.60 -2.64
O2 PGO S . -7.81 26.15 -2.84
H11 PGO S . -8.99 28.78 -1.46
H12 PGO S . -9.18 27.30 -0.89
H2 PGO S . -7.00 27.42 -1.57
H31 PGO S . -8.06 29.04 -3.51
H32 PGO S . -6.55 29.01 -2.98
H33 PGO S . -7.02 28.01 -4.15
HO1 PGO S . -10.73 28.11 -2.44
HO2 PGO S . -7.60 25.53 -2.22
C1 PEG T . -14.56 20.79 4.63
O1 PEG T . -14.12 21.31 3.39
C2 PEG T . -15.03 19.31 4.50
O2 PEG T . -14.63 18.47 5.56
C3 PEG T . -15.30 18.70 6.80
C4 PEG T . -14.42 19.06 7.91
O4 PEG T . -14.06 20.43 7.94
H11 PEG T . -13.82 20.83 5.27
H12 PEG T . -15.31 21.33 4.96
HO1 PEG T . -13.25 21.35 3.38
H21 PEG T . -16.00 19.31 4.45
H22 PEG T . -14.68 18.95 3.67
H31 PEG T . -15.78 17.88 7.05
H32 PEG T . -15.95 19.41 6.69
H41 PEG T . -14.87 18.83 8.75
H42 PEG T . -13.61 18.53 7.84
HO4 PEG T . -13.23 20.49 8.08
C1 PGO U . 13.85 -6.27 1.48
C2 PGO U . 14.99 -6.45 2.45
C3 PGO U . 14.71 -5.65 3.71
O1 PGO U . 13.66 -4.88 1.23
O2 PGO U . 16.20 -6.05 1.83
H11 PGO U . 13.03 -6.64 1.87
H12 PGO U . 14.05 -6.73 0.64
H2 PGO U . 15.06 -7.40 2.69
H31 PGO U . 15.25 -6.01 4.44
H32 PGO U . 13.77 -5.71 3.93
H33 PGO U . 14.97 -4.71 3.56
HO1 PGO U . 13.47 -4.77 0.37
HO2 PGO U . 16.78 -6.72 1.84
C1 PGO V . -22.54 31.24 5.96
C2 PGO V . -23.26 32.53 5.66
C3 PGO V . -24.65 32.15 5.26
O1 PGO V . -22.38 30.55 4.74
O2 PGO V . -22.58 33.18 4.61
H11 PGO V . -23.05 30.71 6.58
H12 PGO V . -21.66 31.45 6.35
H2 PGO V . -23.28 33.10 6.46
H31 PGO V . -25.04 31.56 5.93
H32 PGO V . -24.63 31.70 4.39
H33 PGO V . -25.20 32.96 5.19
HO1 PGO V . -21.80 29.89 4.85
HO2 PGO V . -22.53 34.04 4.78
#